data_7UI7
#
_entry.id   7UI7
#
_cell.length_a   1.00
_cell.length_b   1.00
_cell.length_c   1.00
_cell.angle_alpha   90.00
_cell.angle_beta   90.00
_cell.angle_gamma   90.00
#
_symmetry.space_group_name_H-M   'P 1'
#
loop_
_entity.id
_entity.type
_entity.pdbx_description
1 polymer 'Xylosyl- and glucuronyltransferase LARGE1'
2 non-polymer 'MANGANESE (II) ION'
#
_entity_poly.entity_id   1
_entity_poly.type   'polypeptide(L)'
_entity_poly.pdbx_seq_one_letter_code
;MSALLILALVGAAVADYKDHDGDYKDHDIDYKDDDDKLAAAFEDGKPVSLSPLESQAHSPRYTASSQRERESLEVRMREV
EEENRALRRQLSLAQGRAPSHRRGNHSKTYSMEEGTGDSENLRAGIVAGNSSECGQQPVVEKCETIHVAIVCAGYNASRD
VVTLVKSVLFHRRNPLHFHLIADSIAEQILATLFQTWMVPAVRVDFYNADELKSEVSWIPNKHYSGIYGLMKLVLTKTLP
ANLERVIVLDTDITFATDIAELWAVFHKFKGQQVLGLVENQSDWYLGNLWKNHRPWPALGRGYNTGVILLLLDKLRKMKW
EQMWRLTAERELMGMLSTSLADQDIFNAVIKQNPFLVYQLPCFWNVQLSDHTRSEQCYRDVSDLKVIHWNSPKKLRVKNK
HVEFFRNLYLTFLEYDGNLLRRELFGCPSEADVNSENLQKQLSELDEDDLCYEFRRERFTVHRTHLYFLHYEYEPAADST
DVTLVAQLSMDRLQMLEAICKHWEGPISLALYLSDAEAQQFLRYAQGSEVLMSRHNVGYHIVYKEGQFYPVNLLRNVAMK
HISTPYMFLSDIDFLPMYGLYEYLRKSVIQLDLANTKKAMIVPAFETLRYRLSFPKSKAELLSMLDMGTLFTFRYHVWTK
GHAPTNFAKWRTATTPYRVEWEADFEPYVVVRRDCPEYDRRFVGFGWNKVAHIMELDVQEYEFIVLPNAYMIHMPHAPSF
DITKFRSNKQYRICLKTLKEEFQQDMSRRYGFAALKYLTAENNSHHHHHH
;
_entity_poly.pdbx_strand_id   A,B
#
loop_
_chem_comp.id
_chem_comp.type
_chem_comp.name
_chem_comp.formula
MN non-polymer 'MANGANESE (II) ION' 'Mn 2'
#
# COMPACT_ATOMS: atom_id res chain seq x y z
N GLU A 141 -26.06 17.18 -20.51
CA GLU A 141 -27.44 17.35 -20.06
C GLU A 141 -27.70 16.54 -18.79
N LYS A 142 -26.94 16.81 -17.73
CA LYS A 142 -27.10 16.11 -16.46
C LYS A 142 -26.91 14.60 -16.67
N CYS A 143 -25.66 14.26 -16.98
CA CYS A 143 -25.22 12.87 -17.14
C CYS A 143 -25.87 12.21 -18.36
N GLU A 144 -25.89 12.94 -19.48
CA GLU A 144 -26.41 12.38 -20.72
C GLU A 144 -25.57 11.18 -21.15
N THR A 145 -24.30 11.41 -21.52
CA THR A 145 -23.33 10.35 -21.68
C THR A 145 -21.96 10.91 -22.03
N ILE A 146 -20.90 10.20 -21.63
CA ILE A 146 -19.53 10.52 -21.99
C ILE A 146 -18.98 9.34 -22.78
N HIS A 147 -18.43 9.63 -23.97
CA HIS A 147 -17.87 8.61 -24.83
C HIS A 147 -16.39 8.90 -25.07
N VAL A 148 -15.61 7.82 -25.20
CA VAL A 148 -14.17 7.94 -25.37
C VAL A 148 -13.68 6.79 -26.23
N ALA A 149 -12.57 7.00 -26.91
CA ALA A 149 -11.96 5.98 -27.75
C ALA A 149 -10.46 5.97 -27.50
N ILE A 150 -9.90 4.77 -27.30
CA ILE A 150 -8.49 4.60 -26.99
C ILE A 150 -7.91 3.54 -27.92
N VAL A 151 -6.72 3.81 -28.44
CA VAL A 151 -5.98 2.83 -29.23
C VAL A 151 -5.06 2.06 -28.29
N CYS A 152 -5.15 0.72 -28.36
CA CYS A 152 -4.32 -0.15 -27.53
C CYS A 152 -3.65 -1.18 -28.42
N ALA A 153 -2.35 -1.42 -28.18
CA ALA A 153 -1.59 -2.37 -28.99
C ALA A 153 -0.31 -2.72 -28.24
N GLY A 154 0.09 -3.98 -28.33
CA GLY A 154 1.29 -4.43 -27.65
C GLY A 154 1.10 -4.52 -26.15
N TYR A 155 1.90 -5.36 -25.48
CA TYR A 155 1.73 -5.51 -24.04
C TYR A 155 2.07 -4.23 -23.30
N ASN A 156 3.01 -3.44 -23.82
CA ASN A 156 3.46 -2.24 -23.13
C ASN A 156 2.40 -1.15 -23.06
N ALA A 157 1.18 -1.40 -23.55
CA ALA A 157 0.13 -0.39 -23.59
C ALA A 157 -1.06 -0.70 -22.69
N SER A 158 -1.24 -1.95 -22.26
CA SER A 158 -2.36 -2.27 -21.38
C SER A 158 -2.24 -1.55 -20.04
N ARG A 159 -1.02 -1.52 -19.47
CA ARG A 159 -0.82 -0.79 -18.23
C ARG A 159 -1.12 0.70 -18.43
N ASP A 160 -0.70 1.26 -19.56
CA ASP A 160 -0.97 2.66 -19.83
C ASP A 160 -2.47 2.92 -19.91
N VAL A 161 -3.20 2.02 -20.55
CA VAL A 161 -4.64 2.24 -20.68
C VAL A 161 -5.31 2.14 -19.32
N VAL A 162 -4.86 1.22 -18.47
CA VAL A 162 -5.49 1.14 -17.15
C VAL A 162 -5.21 2.38 -16.33
N THR A 163 -3.98 2.90 -16.39
CA THR A 163 -3.69 4.11 -15.62
C THR A 163 -4.49 5.29 -16.14
N LEU A 164 -4.60 5.43 -17.47
CA LEU A 164 -5.41 6.52 -18.02
C LEU A 164 -6.88 6.38 -17.62
N VAL A 165 -7.40 5.15 -17.66
CA VAL A 165 -8.81 4.95 -17.33
C VAL A 165 -9.08 5.31 -15.88
N LYS A 166 -8.20 4.89 -14.97
CA LYS A 166 -8.41 5.26 -13.58
C LYS A 166 -8.28 6.77 -13.40
N SER A 167 -7.36 7.41 -14.13
CA SER A 167 -7.23 8.86 -14.04
C SER A 167 -8.53 9.54 -14.45
N VAL A 168 -9.10 9.13 -15.58
CA VAL A 168 -10.35 9.74 -16.04
C VAL A 168 -11.46 9.49 -15.04
N LEU A 169 -11.59 8.24 -14.58
CA LEU A 169 -12.68 7.90 -13.69
C LEU A 169 -12.55 8.57 -12.34
N PHE A 170 -11.34 9.01 -11.96
CA PHE A 170 -11.13 9.58 -10.64
C PHE A 170 -11.94 10.86 -10.45
N HIS A 171 -12.31 11.53 -11.55
CA HIS A 171 -13.01 12.80 -11.51
C HIS A 171 -14.37 12.74 -12.21
N ARG A 172 -14.93 11.55 -12.32
CA ARG A 172 -16.12 11.34 -13.12
C ARG A 172 -17.36 11.84 -12.39
N ARG A 173 -18.38 12.19 -13.17
CA ARG A 173 -19.70 12.51 -12.62
C ARG A 173 -20.77 11.77 -13.40
N ASN A 174 -20.57 11.60 -14.69
CA ASN A 174 -21.53 11.02 -15.61
C ASN A 174 -21.15 9.60 -15.98
N PRO A 175 -22.05 8.85 -16.61
CA PRO A 175 -21.69 7.52 -17.11
C PRO A 175 -20.67 7.62 -18.24
N LEU A 176 -19.93 6.54 -18.45
CA LEU A 176 -18.83 6.53 -19.40
C LEU A 176 -18.91 5.31 -20.32
N HIS A 177 -18.41 5.50 -21.53
CA HIS A 177 -18.49 4.49 -22.57
C HIS A 177 -17.18 4.49 -23.34
N PHE A 178 -16.36 3.47 -23.11
CA PHE A 178 -15.07 3.36 -23.76
C PHE A 178 -15.16 2.46 -24.98
N HIS A 179 -14.44 2.87 -26.02
CA HIS A 179 -14.31 2.10 -27.25
C HIS A 179 -12.81 1.86 -27.44
N LEU A 180 -12.38 0.63 -27.23
CA LEU A 180 -10.97 0.30 -27.30
C LEU A 180 -10.70 -0.33 -28.66
N ILE A 181 -10.03 0.42 -29.54
CA ILE A 181 -9.50 -0.15 -30.77
C ILE A 181 -8.31 -1.00 -30.37
N ALA A 182 -8.48 -2.32 -30.37
CA ALA A 182 -7.53 -3.22 -29.72
C ALA A 182 -7.18 -4.38 -30.64
N ASP A 183 -6.01 -4.95 -30.39
CA ASP A 183 -5.56 -6.17 -31.06
C ASP A 183 -6.04 -7.37 -30.27
N SER A 184 -5.56 -8.57 -30.62
CA SER A 184 -6.02 -9.78 -29.95
C SER A 184 -5.53 -9.80 -28.50
N ILE A 185 -4.25 -9.50 -28.29
CA ILE A 185 -3.68 -9.61 -26.95
C ILE A 185 -4.29 -8.57 -26.02
N ALA A 186 -4.34 -7.32 -26.48
CA ALA A 186 -4.95 -6.27 -25.68
C ALA A 186 -6.41 -6.58 -25.41
N GLU A 187 -7.11 -7.14 -26.41
CA GLU A 187 -8.49 -7.52 -26.20
C GLU A 187 -8.59 -8.54 -25.07
N GLN A 188 -7.73 -9.56 -25.10
CA GLN A 188 -7.80 -10.60 -24.09
C GLN A 188 -7.55 -10.02 -22.69
N ILE A 189 -6.56 -9.14 -22.57
CA ILE A 189 -6.26 -8.57 -21.26
C ILE A 189 -7.38 -7.67 -20.77
N LEU A 190 -7.81 -6.75 -21.62
CA LEU A 190 -8.73 -5.70 -21.18
C LEU A 190 -10.14 -6.23 -20.98
N ALA A 191 -10.55 -7.23 -21.76
CA ALA A 191 -11.87 -7.81 -21.52
C ALA A 191 -11.99 -8.29 -20.08
N THR A 192 -11.04 -9.10 -19.63
CA THR A 192 -11.11 -9.61 -18.27
C THR A 192 -10.89 -8.51 -17.25
N LEU A 193 -9.98 -7.57 -17.54
CA LEU A 193 -9.76 -6.48 -16.60
C LEU A 193 -11.07 -5.74 -16.32
N PHE A 194 -11.76 -5.30 -17.37
CA PHE A 194 -12.97 -4.52 -17.16
C PHE A 194 -14.13 -5.37 -16.71
N GLN A 195 -14.20 -6.64 -17.10
CA GLN A 195 -15.23 -7.52 -16.60
C GLN A 195 -15.05 -7.82 -15.12
N THR A 196 -13.85 -7.62 -14.59
CA THR A 196 -13.61 -7.84 -13.18
C THR A 196 -13.63 -6.57 -12.35
N TRP A 197 -13.46 -5.39 -12.94
CA TRP A 197 -13.56 -4.18 -12.14
C TRP A 197 -14.93 -4.05 -11.49
N MET A 198 -15.98 -4.30 -12.26
CA MET A 198 -17.36 -4.11 -11.82
C MET A 198 -17.69 -2.65 -11.59
N VAL A 199 -17.09 -1.76 -12.38
CA VAL A 199 -17.31 -0.33 -12.20
C VAL A 199 -18.73 0.02 -12.65
N PRO A 200 -19.45 0.87 -11.92
CA PRO A 200 -20.80 1.23 -12.36
C PRO A 200 -20.78 2.39 -13.36
N ALA A 201 -21.84 2.43 -14.16
CA ALA A 201 -22.01 3.47 -15.17
C ALA A 201 -20.82 3.50 -16.14
N VAL A 202 -20.31 2.32 -16.47
CA VAL A 202 -19.21 2.18 -17.42
C VAL A 202 -19.54 1.04 -18.36
N ARG A 203 -19.41 1.30 -19.66
CA ARG A 203 -19.61 0.28 -20.69
C ARG A 203 -18.37 0.23 -21.57
N VAL A 204 -17.85 -0.96 -21.78
CA VAL A 204 -16.60 -1.14 -22.53
C VAL A 204 -16.92 -1.96 -23.78
N ASP A 205 -16.52 -1.42 -24.94
CA ASP A 205 -16.72 -2.11 -26.20
C ASP A 205 -15.37 -2.20 -26.92
N PHE A 206 -15.04 -3.39 -27.38
CA PHE A 206 -13.75 -3.66 -27.98
C PHE A 206 -13.93 -3.80 -29.48
N TYR A 207 -13.12 -3.09 -30.24
CA TYR A 207 -13.18 -3.13 -31.69
C TYR A 207 -11.92 -3.80 -32.22
N ASN A 208 -12.12 -4.85 -33.01
CA ASN A 208 -11.02 -5.61 -33.56
C ASN A 208 -10.16 -4.74 -34.46
N ALA A 209 -8.85 -4.96 -34.40
CA ALA A 209 -7.92 -4.25 -35.25
C ALA A 209 -7.26 -5.14 -36.29
N ASP A 210 -7.24 -6.46 -36.08
CA ASP A 210 -6.58 -7.34 -37.02
C ASP A 210 -7.26 -7.28 -38.39
N GLU A 211 -8.58 -7.24 -38.42
CA GLU A 211 -9.30 -7.16 -39.68
C GLU A 211 -9.04 -5.84 -40.39
N LEU A 212 -8.93 -4.75 -39.63
CA LEU A 212 -8.77 -3.41 -40.19
C LEU A 212 -7.33 -2.93 -40.13
N LYS A 213 -6.36 -3.84 -40.02
CA LYS A 213 -4.97 -3.43 -40.03
C LYS A 213 -4.54 -2.92 -41.39
N SER A 214 -5.08 -3.50 -42.47
CA SER A 214 -4.58 -3.20 -43.81
C SER A 214 -4.96 -1.81 -44.31
N GLU A 215 -6.04 -1.23 -43.77
CA GLU A 215 -6.55 0.01 -44.33
C GLU A 215 -5.47 1.08 -44.41
N VAL A 216 -4.57 1.11 -43.43
CA VAL A 216 -3.48 2.08 -43.42
C VAL A 216 -2.14 1.44 -43.76
N SER A 217 -2.11 0.12 -44.02
CA SER A 217 -0.84 -0.54 -44.27
C SER A 217 -0.07 0.11 -45.41
N TRP A 218 -0.78 0.71 -46.36
CA TRP A 218 -0.13 1.36 -47.49
C TRP A 218 0.59 2.65 -47.08
N ILE A 219 0.40 3.12 -45.86
CA ILE A 219 1.03 4.34 -45.39
C ILE A 219 2.24 3.95 -44.53
N PRO A 220 3.47 4.13 -44.99
CA PRO A 220 4.63 3.82 -44.15
C PRO A 220 4.68 4.73 -42.93
N ASN A 221 5.25 4.20 -41.85
CA ASN A 221 5.33 4.92 -40.59
C ASN A 221 6.68 4.66 -39.92
N LYS A 222 7.09 5.61 -39.07
CA LYS A 222 8.32 5.49 -38.31
C LYS A 222 8.13 5.74 -36.82
N HIS A 223 6.91 6.09 -36.37
CA HIS A 223 6.67 6.36 -34.97
C HIS A 223 6.89 5.10 -34.13
N TYR A 224 7.37 5.29 -32.90
CA TYR A 224 7.63 4.15 -32.03
C TYR A 224 6.37 3.35 -31.75
N SER A 225 5.20 4.00 -31.79
CA SER A 225 3.95 3.29 -31.57
C SER A 225 3.73 2.23 -32.66
N GLY A 226 4.06 2.57 -33.90
CA GLY A 226 3.92 1.66 -35.01
C GLY A 226 2.73 1.99 -35.89
N ILE A 227 2.27 0.96 -36.60
CA ILE A 227 1.13 1.12 -37.50
C ILE A 227 -0.11 1.55 -36.73
N TYR A 228 -0.29 1.04 -35.51
CA TYR A 228 -1.50 1.33 -34.75
C TYR A 228 -1.70 2.82 -34.51
N GLY A 229 -0.63 3.62 -34.59
CA GLY A 229 -0.79 5.06 -34.46
C GLY A 229 -1.77 5.62 -35.48
N LEU A 230 -1.71 5.10 -36.71
CA LEU A 230 -2.62 5.57 -37.75
C LEU A 230 -4.06 5.14 -37.51
N MET A 231 -4.30 4.15 -36.65
CA MET A 231 -5.67 3.67 -36.45
C MET A 231 -6.58 4.76 -35.93
N LYS A 232 -6.03 5.83 -35.35
CA LYS A 232 -6.88 6.91 -34.85
C LYS A 232 -7.53 7.68 -35.96
N LEU A 233 -7.20 7.34 -37.21
CA LEU A 233 -7.65 8.11 -38.36
C LEU A 233 -8.89 7.53 -39.03
N VAL A 234 -9.23 6.27 -38.77
CA VAL A 234 -10.29 5.61 -39.51
C VAL A 234 -11.38 5.16 -38.54
N LEU A 235 -11.57 5.93 -37.45
CA LEU A 235 -12.59 5.54 -36.49
C LEU A 235 -13.97 5.49 -37.11
N THR A 236 -14.31 6.48 -37.95
CA THR A 236 -15.65 6.52 -38.53
C THR A 236 -15.98 5.23 -39.25
N LYS A 237 -15.00 4.65 -39.94
CA LYS A 237 -15.23 3.35 -40.56
C LYS A 237 -15.52 2.28 -39.52
N THR A 238 -14.88 2.37 -38.35
CA THR A 238 -15.10 1.38 -37.31
C THR A 238 -16.34 1.71 -36.50
N LEU A 239 -16.33 2.84 -35.82
CA LEU A 239 -17.45 3.22 -34.96
C LEU A 239 -18.70 3.37 -35.81
N PRO A 240 -19.80 2.71 -35.49
CA PRO A 240 -20.99 2.80 -36.34
C PRO A 240 -21.56 4.21 -36.35
N ALA A 241 -22.29 4.52 -37.42
CA ALA A 241 -22.95 5.81 -37.54
C ALA A 241 -23.90 6.09 -36.38
N ASN A 242 -24.17 5.11 -35.53
CA ASN A 242 -25.04 5.34 -34.38
C ASN A 242 -24.49 6.41 -33.45
N LEU A 243 -23.18 6.69 -33.52
CA LEU A 243 -22.54 7.70 -32.70
C LEU A 243 -22.21 8.92 -33.55
N GLU A 244 -22.00 10.05 -32.89
CA GLU A 244 -21.80 11.32 -33.58
C GLU A 244 -20.51 12.01 -33.16
N ARG A 245 -20.14 11.90 -31.89
CA ARG A 245 -18.97 12.61 -31.37
C ARG A 245 -18.36 11.81 -30.23
N VAL A 246 -17.05 11.67 -30.25
CA VAL A 246 -16.35 10.88 -29.25
C VAL A 246 -14.93 11.39 -29.11
N ILE A 247 -14.49 11.58 -27.86
CA ILE A 247 -13.11 11.95 -27.61
C ILE A 247 -12.20 10.84 -28.12
N VAL A 248 -10.94 11.18 -28.32
CA VAL A 248 -9.91 10.20 -28.63
C VAL A 248 -8.66 10.60 -27.87
N LEU A 249 -8.20 9.73 -26.97
CA LEU A 249 -7.03 9.98 -26.15
C LEU A 249 -6.01 8.90 -26.41
N ASP A 250 -4.76 9.30 -26.60
CA ASP A 250 -3.67 8.34 -26.57
C ASP A 250 -3.54 7.76 -25.17
N THR A 251 -2.99 6.55 -25.10
CA THR A 251 -3.03 5.80 -23.84
C THR A 251 -2.27 6.49 -22.71
N ASP A 252 -1.33 7.37 -23.03
CA ASP A 252 -0.45 7.95 -22.03
C ASP A 252 -1.01 9.20 -21.37
N ILE A 253 -2.11 9.77 -21.87
CA ILE A 253 -2.71 10.93 -21.23
C ILE A 253 -3.08 10.59 -19.80
N THR A 254 -3.24 11.62 -18.98
CA THR A 254 -3.68 11.45 -17.59
C THR A 254 -4.46 12.69 -17.20
N PHE A 255 -5.79 12.63 -17.34
CA PHE A 255 -6.61 13.78 -16.99
C PHE A 255 -6.45 14.12 -15.51
N ALA A 256 -6.32 15.41 -15.22
CA ALA A 256 -6.29 15.90 -13.85
C ALA A 256 -7.64 16.43 -13.39
N THR A 257 -8.63 16.50 -14.26
CA THR A 257 -9.95 17.01 -13.93
C THR A 257 -11.01 16.15 -14.61
N ASP A 258 -12.27 16.45 -14.29
CA ASP A 258 -13.38 15.70 -14.86
C ASP A 258 -13.39 15.81 -16.37
N ILE A 259 -13.64 14.70 -17.05
CA ILE A 259 -13.73 14.71 -18.50
C ILE A 259 -15.01 15.38 -18.99
N ALA A 260 -16.00 15.56 -18.13
CA ALA A 260 -17.21 16.28 -18.52
C ALA A 260 -16.88 17.70 -18.93
N GLU A 261 -15.93 18.34 -18.24
CA GLU A 261 -15.51 19.67 -18.63
C GLU A 261 -14.95 19.69 -20.04
N LEU A 262 -14.11 18.71 -20.37
CA LEU A 262 -13.60 18.62 -21.74
C LEU A 262 -14.73 18.39 -22.72
N TRP A 263 -15.65 17.50 -22.38
CA TRP A 263 -16.82 17.24 -23.23
C TRP A 263 -17.62 18.51 -23.45
N ALA A 264 -17.56 19.45 -22.52
CA ALA A 264 -18.33 20.67 -22.65
C ALA A 264 -18.02 21.43 -23.94
N VAL A 265 -16.81 21.28 -24.49
CA VAL A 265 -16.45 22.05 -25.68
C VAL A 265 -17.19 21.61 -26.92
N PHE A 266 -18.09 20.65 -26.80
CA PHE A 266 -18.87 20.19 -27.95
C PHE A 266 -20.10 21.05 -28.19
N HIS A 267 -20.27 22.15 -27.44
CA HIS A 267 -21.28 23.15 -27.71
C HIS A 267 -20.69 24.51 -28.06
N LYS A 268 -19.37 24.61 -28.24
CA LYS A 268 -18.71 25.87 -28.54
C LYS A 268 -18.08 25.87 -29.93
N PHE A 269 -18.47 24.95 -30.79
CA PHE A 269 -18.02 24.92 -32.18
C PHE A 269 -18.99 25.69 -33.06
N LYS A 270 -18.45 26.33 -34.09
CA LYS A 270 -19.23 27.20 -34.96
C LYS A 270 -19.27 26.60 -36.36
N GLY A 271 -20.45 26.61 -36.96
CA GLY A 271 -20.58 26.21 -38.35
C GLY A 271 -20.05 24.81 -38.58
N GLN A 272 -18.98 24.74 -39.38
CA GLN A 272 -18.47 23.48 -39.89
C GLN A 272 -17.19 23.02 -39.22
N GLN A 273 -16.87 23.54 -38.04
CA GLN A 273 -15.65 23.16 -37.34
C GLN A 273 -15.91 21.84 -36.62
N VAL A 274 -15.42 20.75 -37.18
CA VAL A 274 -15.72 19.41 -36.68
C VAL A 274 -14.62 18.87 -35.79
N LEU A 275 -13.37 18.95 -36.23
CA LEU A 275 -12.26 18.37 -35.49
C LEU A 275 -11.67 19.40 -34.54
N GLY A 276 -11.43 18.97 -33.31
CA GLY A 276 -10.84 19.82 -32.28
C GLY A 276 -9.40 19.39 -32.01
N LEU A 277 -8.55 20.36 -31.70
CA LEU A 277 -7.13 20.09 -31.54
C LEU A 277 -6.50 21.13 -30.64
N VAL A 278 -5.21 20.93 -30.34
CA VAL A 278 -4.42 21.85 -29.54
C VAL A 278 -3.12 22.10 -30.30
N GLU A 279 -2.47 23.22 -29.98
CA GLU A 279 -1.24 23.57 -30.68
C GLU A 279 -0.06 22.76 -30.14
N ASN A 280 0.80 22.31 -31.05
CA ASN A 280 2.05 21.69 -30.65
C ASN A 280 2.86 22.64 -29.79
N GLN A 281 3.43 22.11 -28.72
CA GLN A 281 4.30 22.89 -27.84
C GLN A 281 5.77 22.79 -28.22
N SER A 282 6.10 22.06 -29.27
CA SER A 282 7.46 21.96 -29.76
C SER A 282 7.65 22.86 -30.97
N ASP A 283 8.81 22.76 -31.61
CA ASP A 283 9.08 23.44 -32.88
C ASP A 283 9.42 22.43 -33.98
N TRP A 284 8.93 21.19 -33.82
CA TRP A 284 9.23 20.15 -34.81
C TRP A 284 8.75 20.55 -36.20
N TYR A 285 7.49 20.96 -36.31
CA TYR A 285 6.92 21.25 -37.63
C TYR A 285 7.46 22.54 -38.22
N LEU A 286 7.94 23.47 -37.39
CA LEU A 286 8.43 24.74 -37.89
C LEU A 286 9.69 24.60 -38.74
N GLY A 287 10.34 23.44 -38.72
CA GLY A 287 11.55 23.24 -39.52
C GLY A 287 12.69 24.13 -39.10
N ASN A 288 12.87 24.33 -37.79
CA ASN A 288 13.96 25.15 -37.29
C ASN A 288 14.65 24.55 -36.06
N LEU A 289 14.24 23.36 -35.60
CA LEU A 289 14.90 22.76 -34.45
C LEU A 289 16.36 22.44 -34.76
N TRP A 290 16.63 21.89 -35.94
CA TRP A 290 17.98 21.52 -36.33
C TRP A 290 18.11 21.63 -37.85
N LYS A 291 19.36 21.62 -38.31
CA LYS A 291 19.62 21.73 -39.74
C LYS A 291 19.11 20.51 -40.48
N ASN A 292 18.60 20.72 -41.68
CA ASN A 292 18.11 19.66 -42.55
C ASN A 292 16.94 18.91 -41.91
N HIS A 293 15.90 19.68 -41.57
CA HIS A 293 14.66 19.14 -41.05
C HIS A 293 13.53 19.47 -42.01
N ARG A 294 12.79 18.45 -42.43
CA ARG A 294 11.71 18.60 -43.41
C ARG A 294 10.46 17.91 -42.90
N PRO A 295 9.80 18.50 -41.89
CA PRO A 295 8.55 17.93 -41.40
C PRO A 295 7.43 18.14 -42.41
N TRP A 296 6.36 17.36 -42.23
CA TRP A 296 5.23 17.46 -43.14
C TRP A 296 4.59 18.84 -43.04
N PRO A 297 4.01 19.35 -44.13
CA PRO A 297 3.44 20.70 -44.09
C PRO A 297 2.33 20.81 -43.06
N ALA A 298 2.27 21.98 -42.41
CA ALA A 298 1.27 22.23 -41.38
C ALA A 298 1.11 23.73 -41.21
N LEU A 299 0.12 24.12 -40.42
CA LEU A 299 -0.17 25.51 -40.14
C LEU A 299 0.50 25.92 -38.84
N GLY A 300 1.38 26.92 -38.90
CA GLY A 300 2.02 27.42 -37.71
C GLY A 300 2.85 26.35 -37.03
N ARG A 301 2.83 26.38 -35.70
CA ARG A 301 3.60 25.41 -34.92
C ARG A 301 3.14 23.99 -35.17
N GLY A 302 1.93 23.80 -35.69
CA GLY A 302 1.37 22.46 -35.84
C GLY A 302 0.57 22.05 -34.62
N TYR A 303 -0.22 21.01 -34.80
CA TYR A 303 -1.11 20.55 -33.75
C TYR A 303 -0.75 19.12 -33.37
N ASN A 304 -0.99 18.78 -32.10
CA ASN A 304 -0.70 17.44 -31.59
C ASN A 304 -1.98 16.65 -31.47
N THR A 305 -1.89 15.36 -31.79
CA THR A 305 -3.04 14.46 -31.75
C THR A 305 -3.23 13.81 -30.39
N GLY A 306 -2.70 14.41 -29.33
CA GLY A 306 -2.82 13.81 -28.01
C GLY A 306 -4.26 13.64 -27.60
N VAL A 307 -5.06 14.68 -27.78
CA VAL A 307 -6.48 14.65 -27.46
C VAL A 307 -7.23 15.19 -28.67
N ILE A 308 -8.16 14.39 -29.18
CA ILE A 308 -8.97 14.75 -30.33
C ILE A 308 -10.41 14.82 -29.85
N LEU A 309 -11.15 15.81 -30.33
CA LEU A 309 -12.55 16.00 -29.96
C LEU A 309 -13.36 16.08 -31.24
N LEU A 310 -13.92 14.95 -31.68
CA LEU A 310 -14.51 14.82 -32.99
C LEU A 310 -16.00 15.11 -32.95
N LEU A 311 -16.56 15.32 -34.14
CA LEU A 311 -18.00 15.48 -34.36
C LEU A 311 -18.42 14.57 -35.50
N LEU A 312 -18.13 13.27 -35.34
CA LEU A 312 -18.18 12.27 -36.40
C LEU A 312 -19.28 12.55 -37.42
N ASP A 313 -20.46 12.94 -36.94
CA ASP A 313 -21.60 13.08 -37.84
C ASP A 313 -21.29 13.97 -39.05
N LYS A 314 -20.70 15.15 -38.82
CA LYS A 314 -20.21 15.92 -39.98
C LYS A 314 -19.06 15.25 -40.69
N LEU A 315 -18.09 14.71 -39.96
CA LEU A 315 -16.88 14.16 -40.57
C LEU A 315 -17.20 13.07 -41.59
N ARG A 316 -18.29 12.34 -41.40
CA ARG A 316 -18.78 11.41 -42.40
C ARG A 316 -19.49 12.11 -43.55
N LYS A 317 -20.27 13.15 -43.25
CA LYS A 317 -21.02 13.85 -44.28
C LYS A 317 -20.11 14.56 -45.28
N MET A 318 -18.83 14.73 -44.95
CA MET A 318 -17.89 15.46 -45.78
C MET A 318 -17.14 14.55 -46.75
N LYS A 319 -17.33 13.23 -46.66
CA LYS A 319 -16.52 12.28 -47.42
C LYS A 319 -15.05 12.40 -47.02
N TRP A 320 -14.85 12.30 -45.71
CA TRP A 320 -13.51 12.39 -45.12
C TRP A 320 -12.59 11.32 -45.70
N GLU A 321 -13.12 10.13 -45.94
CA GLU A 321 -12.28 9.00 -46.31
C GLU A 321 -11.46 9.28 -47.57
N GLN A 322 -12.15 9.65 -48.66
CA GLN A 322 -11.44 9.91 -49.91
C GLN A 322 -10.50 11.09 -49.75
N MET A 323 -10.94 12.11 -49.02
CA MET A 323 -10.12 13.31 -48.88
C MET A 323 -8.78 12.97 -48.23
N TRP A 324 -8.80 12.29 -47.08
CA TRP A 324 -7.54 12.01 -46.41
C TRP A 324 -6.72 11.02 -47.22
N ARG A 325 -7.38 10.06 -47.88
CA ARG A 325 -6.63 9.11 -48.70
C ARG A 325 -5.88 9.83 -49.81
N LEU A 326 -6.54 10.76 -50.50
CA LEU A 326 -5.89 11.51 -51.56
C LEU A 326 -4.77 12.38 -51.00
N THR A 327 -5.02 13.03 -49.86
CA THR A 327 -3.98 13.85 -49.26
C THR A 327 -2.74 13.02 -48.94
N ALA A 328 -2.94 11.85 -48.33
CA ALA A 328 -1.80 10.99 -48.01
C ALA A 328 -1.08 10.54 -49.28
N GLU A 329 -1.84 10.13 -50.30
CA GLU A 329 -1.19 9.68 -51.53
C GLU A 329 -0.35 10.80 -52.14
N ARG A 330 -0.88 12.02 -52.14
CA ARG A 330 -0.11 13.16 -52.64
C ARG A 330 1.13 13.39 -51.77
N GLU A 331 0.99 13.26 -50.46
CA GLU A 331 2.06 13.54 -49.52
C GLU A 331 2.95 12.32 -49.26
N LEU A 332 2.88 11.30 -50.12
CA LEU A 332 3.80 10.17 -50.03
C LEU A 332 4.65 9.96 -51.26
N MET A 333 4.42 10.69 -52.35
CA MET A 333 5.20 10.48 -53.56
C MET A 333 6.61 11.08 -53.45
N GLY A 334 6.72 12.25 -52.83
CA GLY A 334 8.00 12.95 -52.79
C GLY A 334 8.96 12.44 -51.72
N MET A 335 8.53 12.53 -50.46
CA MET A 335 9.36 12.14 -49.34
C MET A 335 9.29 10.63 -49.12
N LEU A 336 10.00 10.16 -48.10
CA LEU A 336 10.12 8.72 -47.86
C LEU A 336 8.90 8.18 -47.10
N SER A 337 8.67 8.68 -45.90
CA SER A 337 7.61 8.16 -45.05
C SER A 337 7.23 9.20 -44.02
N THR A 338 6.17 8.91 -43.28
CA THR A 338 5.71 9.79 -42.21
C THR A 338 6.70 9.74 -41.04
N SER A 339 6.70 10.82 -40.26
CA SER A 339 7.57 10.95 -39.10
C SER A 339 6.82 10.77 -37.78
N LEU A 340 5.65 11.38 -37.65
CA LEU A 340 4.83 11.27 -36.44
C LEU A 340 3.60 10.41 -36.67
N ALA A 341 3.56 9.65 -37.76
CA ALA A 341 2.49 8.68 -38.02
C ALA A 341 1.18 9.47 -38.14
N ASP A 342 0.16 9.17 -37.34
CA ASP A 342 -1.13 9.85 -37.47
C ASP A 342 -1.01 11.35 -37.27
N GLN A 343 -0.26 11.78 -36.26
CA GLN A 343 -0.09 13.22 -36.04
C GLN A 343 0.56 13.88 -37.24
N ASP A 344 1.30 13.09 -38.05
CA ASP A 344 1.95 13.64 -39.23
C ASP A 344 0.95 13.87 -40.36
N ILE A 345 -0.15 13.13 -40.37
CA ILE A 345 -1.12 13.21 -41.46
C ILE A 345 -2.28 14.13 -41.10
N PHE A 346 -2.83 14.01 -39.89
CA PHE A 346 -3.91 14.90 -39.48
C PHE A 346 -3.54 16.35 -39.72
N ASN A 347 -2.32 16.72 -39.39
CA ASN A 347 -1.89 18.11 -39.61
C ASN A 347 -2.08 18.52 -41.06
N ALA A 348 -1.67 17.67 -42.00
CA ALA A 348 -1.91 17.96 -43.40
C ALA A 348 -3.40 18.10 -43.67
N VAL A 349 -4.21 17.20 -43.11
CA VAL A 349 -5.65 17.30 -43.26
C VAL A 349 -6.15 18.63 -42.73
N ILE A 350 -5.47 19.19 -41.73
CA ILE A 350 -5.80 20.53 -41.27
C ILE A 350 -5.40 21.55 -42.34
N LYS A 351 -4.15 21.47 -42.81
CA LYS A 351 -3.61 22.52 -43.68
C LYS A 351 -4.41 22.64 -44.97
N GLN A 352 -4.74 21.50 -45.58
CA GLN A 352 -5.46 21.53 -46.85
C GLN A 352 -6.89 22.04 -46.67
N ASN A 353 -7.36 22.18 -45.44
CA ASN A 353 -8.66 22.80 -45.17
C ASN A 353 -8.56 23.45 -43.79
N PRO A 354 -8.01 24.66 -43.73
CA PRO A 354 -7.67 25.24 -42.42
C PRO A 354 -8.87 25.50 -41.52
N PHE A 355 -10.07 25.56 -42.06
CA PHE A 355 -11.21 26.07 -41.32
C PHE A 355 -12.03 24.99 -40.61
N LEU A 356 -11.65 23.71 -40.75
CA LEU A 356 -12.27 22.67 -39.93
C LEU A 356 -11.92 22.81 -38.46
N VAL A 357 -10.66 23.10 -38.15
CA VAL A 357 -10.15 22.82 -36.80
C VAL A 357 -10.72 23.82 -35.80
N TYR A 358 -10.74 23.39 -34.55
CA TYR A 358 -10.99 24.27 -33.42
C TYR A 358 -9.73 24.28 -32.57
N GLN A 359 -9.15 25.46 -32.40
CA GLN A 359 -7.95 25.65 -31.60
C GLN A 359 -8.30 25.69 -30.13
N LEU A 360 -8.29 24.54 -29.48
CA LEU A 360 -8.66 24.43 -28.08
C LEU A 360 -7.74 25.30 -27.23
N PRO A 361 -8.05 25.48 -25.95
CA PRO A 361 -7.08 26.12 -25.05
C PRO A 361 -5.78 25.35 -25.01
N CYS A 362 -4.67 26.07 -24.90
CA CYS A 362 -3.37 25.43 -24.88
C CYS A 362 -3.17 24.58 -23.63
N PHE A 363 -3.86 24.92 -22.54
CA PHE A 363 -3.63 24.25 -21.28
C PHE A 363 -4.38 22.94 -21.16
N TRP A 364 -4.82 22.36 -22.27
CA TRP A 364 -5.41 21.02 -22.26
C TRP A 364 -4.36 19.95 -22.53
N ASN A 365 -3.57 20.12 -23.58
CA ASN A 365 -2.53 19.17 -23.96
C ASN A 365 -1.17 19.79 -23.62
N VAL A 366 -0.71 19.60 -22.39
CA VAL A 366 0.56 20.19 -21.95
C VAL A 366 1.65 19.17 -22.25
N GLN A 367 2.05 19.12 -23.52
CA GLN A 367 3.10 18.20 -23.90
C GLN A 367 4.40 18.53 -23.17
N LEU A 368 5.05 17.49 -22.64
CA LEU A 368 6.30 17.63 -21.91
C LEU A 368 7.39 16.89 -22.68
N SER A 369 8.35 17.65 -23.22
CA SER A 369 9.44 17.09 -24.00
C SER A 369 10.67 17.98 -23.81
N ASP A 370 11.66 17.81 -24.69
CA ASP A 370 12.92 18.53 -24.57
C ASP A 370 12.87 19.93 -25.17
N HIS A 371 11.80 20.28 -25.88
CA HIS A 371 11.69 21.57 -26.56
C HIS A 371 10.34 22.21 -26.30
N THR A 372 9.94 22.25 -25.04
CA THR A 372 8.62 22.73 -24.65
C THR A 372 8.72 24.10 -23.99
N ARG A 373 7.78 24.98 -24.34
CA ARG A 373 7.59 26.28 -23.71
C ARG A 373 6.27 26.33 -22.95
N SER A 374 5.85 25.20 -22.39
CA SER A 374 4.54 25.11 -21.75
C SER A 374 4.40 26.10 -20.60
N GLU A 375 5.50 26.54 -20.01
CA GLU A 375 5.42 27.54 -18.94
C GLU A 375 4.62 28.75 -19.38
N GLN A 376 4.66 29.07 -20.68
CA GLN A 376 3.78 30.11 -21.20
C GLN A 376 2.34 29.60 -21.31
N CYS A 377 2.16 28.34 -21.71
CA CYS A 377 0.82 27.80 -21.88
C CYS A 377 0.18 27.37 -20.56
N TYR A 378 0.95 27.22 -19.49
CA TYR A 378 0.39 26.96 -18.17
C TYR A 378 0.94 27.97 -17.18
N ARG A 379 0.07 28.45 -16.30
CA ARG A 379 0.40 29.49 -15.33
C ARG A 379 0.40 28.99 -13.89
N ASP A 380 -0.65 28.29 -13.48
CA ASP A 380 -0.83 27.88 -12.09
C ASP A 380 -1.33 26.44 -12.07
N VAL A 381 -1.68 25.97 -10.87
CA VAL A 381 -2.23 24.62 -10.73
C VAL A 381 -3.57 24.52 -11.44
N SER A 382 -4.43 25.52 -11.24
CA SER A 382 -5.72 25.54 -11.92
C SER A 382 -5.59 25.65 -13.42
N ASP A 383 -4.41 26.01 -13.93
CA ASP A 383 -4.12 26.08 -15.35
C ASP A 383 -3.72 24.74 -15.93
N LEU A 384 -4.01 23.63 -15.25
CA LEU A 384 -3.67 22.29 -15.72
C LEU A 384 -4.90 21.41 -15.60
N LYS A 385 -5.23 20.72 -16.68
CA LYS A 385 -6.34 19.78 -16.67
C LYS A 385 -5.99 18.41 -17.24
N VAL A 386 -5.08 18.35 -18.22
CA VAL A 386 -4.75 17.12 -18.93
C VAL A 386 -3.29 17.17 -19.36
N ILE A 387 -2.53 16.12 -19.04
CA ILE A 387 -1.09 16.08 -19.27
C ILE A 387 -0.77 14.95 -20.23
N HIS A 388 0.31 15.12 -20.98
CA HIS A 388 0.83 14.12 -21.90
C HIS A 388 2.33 13.96 -21.67
N TRP A 389 2.88 12.83 -22.11
CA TRP A 389 4.29 12.53 -21.92
C TRP A 389 4.88 12.15 -23.29
N ASN A 390 5.24 13.16 -24.07
CA ASN A 390 5.64 12.96 -25.47
C ASN A 390 7.15 12.83 -25.61
N SER A 391 7.71 11.75 -25.08
CA SER A 391 9.11 11.46 -25.26
C SER A 391 9.32 9.98 -24.99
N PRO A 392 10.22 9.31 -25.72
CA PRO A 392 10.54 7.92 -25.37
C PRO A 392 11.05 7.79 -23.95
N LYS A 393 11.65 8.84 -23.40
CA LYS A 393 12.07 8.81 -22.01
C LYS A 393 10.87 8.66 -21.07
N LYS A 394 9.77 9.35 -21.37
CA LYS A 394 8.58 9.29 -20.54
C LYS A 394 8.89 9.77 -19.12
N LEU A 395 9.19 8.83 -18.23
CA LEU A 395 9.40 9.17 -16.82
C LEU A 395 10.67 9.99 -16.61
N ARG A 396 11.56 10.07 -17.60
CA ARG A 396 12.86 10.72 -17.44
C ARG A 396 12.95 12.03 -18.21
N VAL A 397 11.88 12.82 -18.24
CA VAL A 397 11.89 14.12 -18.88
C VAL A 397 12.15 15.19 -17.82
N LYS A 398 12.61 16.35 -18.25
CA LYS A 398 13.04 17.43 -17.37
C LYS A 398 12.30 18.72 -17.73
N ASN A 399 11.91 19.46 -16.69
CA ASN A 399 11.21 20.72 -16.87
C ASN A 399 11.50 21.62 -15.67
N LYS A 400 10.91 22.82 -15.69
CA LYS A 400 11.17 23.78 -14.62
C LYS A 400 10.50 23.38 -13.32
N HIS A 401 9.23 22.97 -13.39
CA HIS A 401 8.45 22.56 -12.22
C HIS A 401 8.00 21.11 -12.37
N VAL A 402 8.88 20.26 -12.87
CA VAL A 402 8.52 18.87 -13.16
C VAL A 402 8.05 18.15 -11.90
N GLU A 403 8.37 18.67 -10.72
CA GLU A 403 7.97 18.00 -9.49
C GLU A 403 6.46 17.86 -9.40
N PHE A 404 5.72 18.92 -9.74
CA PHE A 404 4.26 18.84 -9.69
C PHE A 404 3.72 17.88 -10.73
N PHE A 405 4.35 17.82 -11.91
CA PHE A 405 3.91 16.87 -12.92
C PHE A 405 4.11 15.43 -12.43
N ARG A 406 5.25 15.15 -11.82
CA ARG A 406 5.47 13.81 -11.28
C ARG A 406 4.46 13.49 -10.20
N ASN A 407 4.16 14.46 -9.34
CA ASN A 407 3.13 14.25 -8.34
C ASN A 407 1.79 13.93 -9.00
N LEU A 408 1.41 14.70 -10.02
CA LEU A 408 0.15 14.48 -10.71
C LEU A 408 0.14 13.14 -11.44
N TYR A 409 1.33 12.62 -11.76
CA TYR A 409 1.41 11.31 -12.42
C TYR A 409 1.23 10.18 -11.41
N LEU A 410 1.84 10.31 -10.25
CA LEU A 410 1.70 9.29 -9.22
C LEU A 410 0.41 9.43 -8.42
N THR A 411 -0.34 10.52 -8.60
CA THR A 411 -1.52 10.73 -7.78
C THR A 411 -2.64 9.75 -8.12
N PHE A 412 -2.84 9.46 -9.41
CA PHE A 412 -3.87 8.53 -9.85
C PHE A 412 -3.36 7.10 -9.94
N LEU A 413 -2.16 6.91 -10.48
CA LEU A 413 -1.62 5.56 -10.61
C LEU A 413 -1.48 4.89 -9.26
N GLU A 414 -1.10 5.65 -8.23
CA GLU A 414 -0.99 5.11 -6.90
C GLU A 414 -2.33 4.67 -6.33
N TYR A 415 -3.43 5.24 -6.81
CA TYR A 415 -4.73 5.02 -6.18
C TYR A 415 -5.10 3.54 -6.19
N ASP A 416 -5.63 3.06 -5.07
CA ASP A 416 -6.15 1.71 -4.97
C ASP A 416 -7.49 1.65 -5.70
N GLY A 417 -7.48 1.12 -6.92
CA GLY A 417 -8.64 1.18 -7.80
C GLY A 417 -9.87 0.46 -7.28
N ASN A 418 -9.71 -0.39 -6.27
CA ASN A 418 -10.87 -1.09 -5.71
C ASN A 418 -11.85 -0.13 -5.05
N LEU A 419 -11.46 1.11 -4.80
CA LEU A 419 -12.30 2.10 -4.16
C LEU A 419 -13.02 3.00 -5.15
N LEU A 420 -13.10 2.59 -6.41
CA LEU A 420 -13.66 3.40 -7.48
C LEU A 420 -14.98 2.82 -8.00
N ARG A 421 -15.57 1.90 -7.25
CA ARG A 421 -16.72 1.13 -7.71
C ARG A 421 -18.05 1.73 -7.24
N ARG A 422 -18.13 3.06 -7.17
CA ARG A 422 -19.34 3.72 -6.70
C ARG A 422 -20.00 4.54 -7.80
N ASN A 434 -24.12 -9.63 -15.78
CA ASN A 434 -23.00 -10.22 -15.07
C ASN A 434 -22.89 -9.69 -13.65
N SER A 435 -23.69 -8.67 -13.34
CA SER A 435 -23.68 -8.03 -12.02
C SER A 435 -24.85 -8.46 -11.15
N GLU A 436 -26.07 -8.34 -11.68
CA GLU A 436 -27.27 -8.61 -10.88
C GLU A 436 -27.20 -10.00 -10.26
N ASN A 437 -26.56 -10.94 -10.95
CA ASN A 437 -26.35 -12.27 -10.37
C ASN A 437 -25.57 -12.17 -9.06
N LEU A 438 -24.46 -11.43 -9.05
CA LEU A 438 -23.68 -11.32 -7.83
C LEU A 438 -24.49 -10.66 -6.74
N GLN A 439 -25.26 -9.63 -7.09
CA GLN A 439 -26.07 -8.95 -6.09
C GLN A 439 -27.10 -9.88 -5.48
N LYS A 440 -27.76 -10.69 -6.30
CA LYS A 440 -28.84 -11.53 -5.76
C LYS A 440 -28.33 -12.85 -5.18
N GLN A 441 -27.05 -13.17 -5.35
CA GLN A 441 -26.46 -14.15 -4.44
C GLN A 441 -26.04 -13.50 -3.12
N LEU A 442 -25.42 -12.32 -3.16
CA LEU A 442 -25.06 -11.63 -1.93
C LEU A 442 -26.29 -11.30 -1.09
N SER A 443 -27.46 -11.22 -1.71
CA SER A 443 -28.65 -10.78 -0.99
C SER A 443 -28.98 -11.70 0.19
N GLU A 444 -28.92 -13.01 -0.02
CA GLU A 444 -29.42 -13.96 0.98
C GLU A 444 -28.30 -14.54 1.84
N LEU A 445 -27.16 -13.86 1.93
CA LEU A 445 -26.11 -14.30 2.84
C LEU A 445 -26.49 -13.89 4.26
N ASP A 446 -26.87 -14.86 5.08
CA ASP A 446 -27.29 -14.57 6.44
C ASP A 446 -26.14 -13.96 7.23
N GLU A 447 -26.36 -12.76 7.75
CA GLU A 447 -25.36 -12.15 8.61
C GLU A 447 -25.14 -12.96 9.87
N ASP A 448 -26.22 -13.49 10.46
CA ASP A 448 -26.12 -14.28 11.67
C ASP A 448 -25.39 -15.59 11.45
N ASP A 449 -25.29 -16.05 10.20
CA ASP A 449 -24.59 -17.30 9.93
C ASP A 449 -23.13 -17.19 10.32
N LEU A 450 -22.58 -18.28 10.85
CA LEU A 450 -21.20 -18.28 11.32
C LEU A 450 -20.20 -18.11 10.18
N CYS A 451 -20.61 -18.39 8.93
CA CYS A 451 -19.74 -18.29 7.77
C CYS A 451 -20.13 -17.13 6.86
N TYR A 452 -20.85 -16.14 7.39
CA TYR A 452 -21.29 -15.02 6.57
C TYR A 452 -20.12 -14.39 5.82
N GLU A 453 -19.05 -14.05 6.55
CA GLU A 453 -17.90 -13.45 5.89
C GLU A 453 -17.30 -14.38 4.86
N PHE A 454 -17.18 -15.67 5.18
CA PHE A 454 -16.65 -16.63 4.21
C PHE A 454 -17.54 -16.71 2.99
N ARG A 455 -18.85 -16.87 3.21
CA ARG A 455 -19.78 -16.99 2.10
C ARG A 455 -19.70 -15.77 1.18
N ARG A 456 -19.69 -14.57 1.78
CA ARG A 456 -19.54 -13.36 0.98
C ARG A 456 -18.22 -13.39 0.20
N GLU A 457 -17.14 -13.80 0.86
CA GLU A 457 -15.82 -13.73 0.23
C GLU A 457 -15.74 -14.64 -0.98
N ARG A 458 -16.31 -15.85 -0.89
CA ARG A 458 -16.10 -16.82 -1.96
C ARG A 458 -16.63 -16.32 -3.30
N PHE A 459 -17.82 -15.74 -3.31
CA PHE A 459 -18.39 -15.25 -4.56
C PHE A 459 -17.70 -14.00 -5.08
N THR A 460 -16.86 -13.35 -4.29
CA THR A 460 -16.30 -12.06 -4.68
C THR A 460 -15.59 -12.16 -6.03
N VAL A 461 -15.36 -10.99 -6.62
CA VAL A 461 -14.61 -10.85 -7.85
C VAL A 461 -13.52 -9.81 -7.63
N HIS A 462 -12.29 -10.14 -8.02
CA HIS A 462 -11.13 -9.30 -7.77
C HIS A 462 -10.58 -8.74 -9.07
N ARG A 463 -10.02 -7.54 -8.99
CA ARG A 463 -9.44 -6.88 -10.15
C ARG A 463 -8.21 -7.65 -10.63
N THR A 464 -8.34 -8.37 -11.74
CA THR A 464 -7.27 -9.16 -12.30
C THR A 464 -6.72 -8.49 -13.53
N HIS A 465 -5.40 -8.37 -13.60
CA HIS A 465 -4.71 -7.71 -14.70
C HIS A 465 -3.75 -8.73 -15.27
N LEU A 466 -4.24 -9.57 -16.17
CA LEU A 466 -3.42 -10.66 -16.69
C LEU A 466 -2.30 -10.11 -17.56
N TYR A 467 -1.16 -10.79 -17.51
CA TYR A 467 0.01 -10.45 -18.32
C TYR A 467 0.46 -9.01 -18.01
N PHE A 468 0.86 -8.82 -16.76
CA PHE A 468 1.27 -7.51 -16.29
C PHE A 468 2.48 -7.00 -17.06
N LEU A 469 3.45 -7.87 -17.29
CA LEU A 469 4.66 -7.56 -18.04
C LEU A 469 4.68 -8.33 -19.36
N HIS A 470 5.68 -8.02 -20.18
CA HIS A 470 5.76 -8.60 -21.51
C HIS A 470 5.80 -10.13 -21.43
N TYR A 471 5.06 -10.77 -22.32
CA TYR A 471 4.99 -12.22 -22.40
C TYR A 471 5.14 -12.66 -23.84
N GLU A 472 5.65 -13.86 -24.03
CA GLU A 472 5.83 -14.41 -25.37
C GLU A 472 6.12 -15.89 -25.25
N TYR A 473 5.78 -16.63 -26.30
CA TYR A 473 5.93 -18.09 -26.26
C TYR A 473 5.83 -18.62 -27.69
N GLU A 474 6.86 -19.33 -28.13
CA GLU A 474 6.84 -19.97 -29.44
C GLU A 474 6.37 -21.41 -29.27
N PRO A 475 5.19 -21.79 -29.77
CA PRO A 475 4.72 -23.16 -29.56
C PRO A 475 5.67 -24.18 -30.18
N ALA A 476 5.79 -25.33 -29.51
CA ALA A 476 6.62 -26.43 -29.96
C ALA A 476 5.74 -27.56 -30.48
N ALA A 477 6.31 -28.37 -31.38
CA ALA A 477 5.56 -29.46 -31.99
C ALA A 477 5.33 -30.62 -31.03
N ASP A 478 6.09 -30.70 -29.93
CA ASP A 478 5.93 -31.81 -29.00
C ASP A 478 4.53 -31.83 -28.40
N SER A 479 3.92 -30.67 -28.19
CA SER A 479 2.61 -30.59 -27.58
C SER A 479 2.59 -31.29 -26.22
N THR A 480 3.66 -31.10 -25.46
CA THR A 480 3.77 -31.70 -24.13
C THR A 480 4.37 -30.75 -23.11
N ASP A 481 4.56 -29.48 -23.43
CA ASP A 481 5.22 -28.56 -22.53
C ASP A 481 4.43 -28.42 -21.23
N VAL A 482 5.16 -28.22 -20.13
CA VAL A 482 4.56 -28.03 -18.83
C VAL A 482 4.82 -26.60 -18.39
N THR A 483 3.97 -26.11 -17.49
CA THR A 483 4.13 -24.78 -16.93
C THR A 483 3.72 -24.79 -15.47
N LEU A 484 4.64 -24.35 -14.62
CA LEU A 484 4.38 -24.27 -13.18
C LEU A 484 3.19 -23.37 -12.92
N VAL A 485 2.72 -23.40 -11.68
CA VAL A 485 1.81 -22.41 -11.15
C VAL A 485 2.21 -22.13 -9.71
N ALA A 486 1.97 -20.92 -9.25
CA ALA A 486 2.29 -20.57 -7.88
C ALA A 486 1.44 -19.40 -7.44
N GLN A 487 1.22 -19.32 -6.13
CA GLN A 487 0.60 -18.18 -5.50
C GLN A 487 1.64 -17.50 -4.61
N LEU A 488 1.87 -16.21 -4.84
CA LEU A 488 2.92 -15.50 -4.15
C LEU A 488 2.47 -14.10 -3.80
N SER A 489 3.06 -13.55 -2.74
CA SER A 489 2.79 -12.20 -2.29
C SER A 489 4.13 -11.52 -2.00
N MET A 490 4.06 -10.24 -1.65
CA MET A 490 5.28 -9.45 -1.48
C MET A 490 6.04 -9.80 -0.21
N ASP A 491 5.36 -10.30 0.83
CA ASP A 491 6.05 -10.80 2.00
C ASP A 491 6.88 -12.04 1.68
N ARG A 492 6.77 -12.57 0.46
CA ARG A 492 7.49 -13.77 0.05
C ARG A 492 8.05 -13.61 -1.35
N LEU A 493 7.98 -12.41 -1.92
CA LEU A 493 8.41 -12.21 -3.29
C LEU A 493 9.89 -12.50 -3.48
N GLN A 494 10.69 -12.42 -2.41
CA GLN A 494 12.14 -12.34 -2.58
C GLN A 494 12.69 -13.49 -3.41
N MET A 495 12.15 -14.70 -3.23
CA MET A 495 12.73 -15.86 -3.90
C MET A 495 12.15 -16.09 -5.28
N LEU A 496 11.55 -15.08 -5.91
CA LEU A 496 11.06 -15.26 -7.27
C LEU A 496 12.21 -15.66 -8.19
N GLU A 497 13.31 -14.90 -8.14
CA GLU A 497 14.49 -15.28 -8.90
C GLU A 497 14.87 -16.73 -8.60
N ALA A 498 14.69 -17.15 -7.35
CA ALA A 498 15.03 -18.52 -6.97
C ALA A 498 14.32 -19.52 -7.87
N ILE A 499 13.02 -19.35 -8.09
CA ILE A 499 12.33 -20.29 -8.94
C ILE A 499 12.81 -20.14 -10.38
N CYS A 500 13.11 -18.91 -10.80
CA CYS A 500 13.45 -18.66 -12.19
C CYS A 500 14.77 -19.31 -12.56
N LYS A 501 15.74 -19.30 -11.65
CA LYS A 501 16.99 -20.01 -11.94
C LYS A 501 16.79 -21.51 -12.04
N HIS A 502 15.67 -22.03 -11.55
CA HIS A 502 15.41 -23.47 -11.55
C HIS A 502 14.39 -23.89 -12.59
N TRP A 503 13.83 -22.96 -13.36
CA TRP A 503 12.90 -23.26 -14.44
C TRP A 503 13.45 -22.73 -15.75
N GLU A 504 13.39 -23.57 -16.79
CA GLU A 504 13.69 -23.15 -18.15
C GLU A 504 12.45 -22.94 -18.98
N GLY A 505 11.41 -23.75 -18.75
CA GLY A 505 10.18 -23.61 -19.49
C GLY A 505 9.27 -22.53 -18.92
N PRO A 506 8.18 -22.25 -19.62
CA PRO A 506 7.28 -21.18 -19.16
C PRO A 506 6.67 -21.49 -17.81
N ILE A 507 6.47 -20.44 -17.02
CA ILE A 507 5.84 -20.56 -15.70
C ILE A 507 4.85 -19.41 -15.55
N SER A 508 3.71 -19.70 -14.93
CA SER A 508 2.65 -18.72 -14.75
C SER A 508 2.39 -18.54 -13.27
N LEU A 509 2.76 -17.39 -12.75
CA LEU A 509 2.56 -17.04 -11.35
C LEU A 509 1.22 -16.36 -11.17
N ALA A 510 0.93 -15.97 -9.95
CA ALA A 510 -0.28 -15.22 -9.63
C ALA A 510 0.03 -14.39 -8.39
N LEU A 511 0.46 -13.16 -8.61
CA LEU A 511 0.82 -12.29 -7.51
C LEU A 511 -0.43 -11.77 -6.82
N TYR A 512 -0.22 -11.05 -5.72
CA TYR A 512 -1.32 -10.47 -4.96
C TYR A 512 -0.77 -9.17 -4.36
N LEU A 513 -1.03 -8.07 -5.05
CA LEU A 513 -0.28 -6.84 -4.87
C LEU A 513 -1.21 -5.68 -4.54
N SER A 514 -0.62 -4.62 -4.00
CA SER A 514 -1.28 -3.32 -3.85
C SER A 514 -0.84 -2.40 -4.97
N ASP A 515 -1.80 -1.79 -5.66
CA ASP A 515 -1.52 -0.96 -6.82
C ASP A 515 -0.27 -0.11 -6.64
N ALA A 516 -0.28 0.70 -5.57
CA ALA A 516 0.88 1.53 -5.25
C ALA A 516 2.14 0.69 -5.21
N GLU A 517 2.08 -0.45 -4.52
CA GLU A 517 3.25 -1.32 -4.44
C GLU A 517 3.30 -2.26 -5.63
N ALA A 518 2.22 -2.35 -6.40
CA ALA A 518 2.27 -3.06 -7.67
C ALA A 518 3.27 -2.38 -8.58
N GLN A 519 3.29 -1.04 -8.57
CA GLN A 519 4.32 -0.33 -9.32
C GLN A 519 5.70 -0.59 -8.74
N GLN A 520 5.80 -0.81 -7.42
CA GLN A 520 7.07 -1.21 -6.84
C GLN A 520 7.55 -2.50 -7.47
N PHE A 521 6.65 -3.47 -7.59
CA PHE A 521 7.00 -4.71 -8.27
C PHE A 521 7.37 -4.46 -9.72
N LEU A 522 6.66 -3.55 -10.38
CA LEU A 522 6.99 -3.23 -11.76
C LEU A 522 8.44 -2.76 -11.87
N ARG A 523 8.82 -1.83 -11.00
CA ARG A 523 10.19 -1.33 -11.01
C ARG A 523 11.18 -2.46 -10.74
N TYR A 524 10.89 -3.29 -9.73
CA TYR A 524 11.83 -4.38 -9.41
C TYR A 524 12.01 -5.31 -10.59
N ALA A 525 10.91 -5.70 -11.23
CA ALA A 525 11.00 -6.60 -12.37
C ALA A 525 11.76 -5.94 -13.51
N GLN A 526 11.53 -4.65 -13.72
CA GLN A 526 12.26 -3.94 -14.76
C GLN A 526 13.72 -3.76 -14.41
N GLY A 527 14.10 -3.96 -13.15
CA GLY A 527 15.48 -3.83 -12.74
C GLY A 527 16.28 -5.11 -12.91
N SER A 528 15.84 -6.19 -12.29
CA SER A 528 16.60 -7.44 -12.30
C SER A 528 16.75 -7.97 -13.72
N GLU A 529 17.99 -8.32 -14.08
CA GLU A 529 18.25 -8.85 -15.42
C GLU A 529 17.83 -10.31 -15.56
N VAL A 530 17.73 -11.05 -14.46
CA VAL A 530 17.31 -12.44 -14.56
C VAL A 530 15.91 -12.54 -15.14
N LEU A 531 15.00 -11.70 -14.66
CA LEU A 531 13.63 -11.72 -15.18
C LEU A 531 13.58 -11.20 -16.60
N MET A 532 14.29 -10.11 -16.89
CA MET A 532 14.27 -9.53 -18.23
C MET A 532 14.78 -10.52 -19.26
N SER A 533 15.81 -11.28 -18.91
CA SER A 533 16.34 -12.26 -19.87
C SER A 533 15.28 -13.26 -20.28
N ARG A 534 14.33 -13.56 -19.40
CA ARG A 534 13.30 -14.56 -19.65
C ARG A 534 12.04 -13.87 -20.14
N HIS A 535 11.56 -14.27 -21.31
CA HIS A 535 10.35 -13.72 -21.89
C HIS A 535 9.11 -14.56 -21.61
N ASN A 536 9.27 -15.79 -21.13
CA ASN A 536 8.18 -16.76 -21.08
C ASN A 536 7.62 -16.93 -19.68
N VAL A 537 7.53 -15.85 -18.92
CA VAL A 537 6.98 -15.87 -17.57
C VAL A 537 5.80 -14.91 -17.53
N GLY A 538 4.64 -15.43 -17.16
CA GLY A 538 3.49 -14.57 -16.96
C GLY A 538 3.55 -13.85 -15.63
N TYR A 539 2.63 -12.90 -15.47
CA TYR A 539 2.51 -12.15 -14.21
C TYR A 539 1.07 -11.71 -14.09
N HIS A 540 0.28 -12.45 -13.33
CA HIS A 540 -1.15 -12.20 -13.20
C HIS A 540 -1.37 -11.58 -11.82
N ILE A 541 -1.68 -10.29 -11.80
CA ILE A 541 -1.89 -9.54 -10.56
C ILE A 541 -3.39 -9.53 -10.28
N VAL A 542 -3.79 -10.08 -9.15
CA VAL A 542 -5.14 -9.86 -8.65
C VAL A 542 -5.01 -9.00 -7.40
N TYR A 543 -5.43 -7.74 -7.53
CA TYR A 543 -5.16 -6.75 -6.51
C TYR A 543 -5.78 -7.16 -5.17
N LYS A 544 -5.37 -6.46 -4.12
CA LYS A 544 -5.87 -6.77 -2.79
C LYS A 544 -7.33 -6.34 -2.64
N GLU A 545 -8.05 -7.08 -1.80
CA GLU A 545 -9.40 -6.72 -1.41
C GLU A 545 -9.80 -7.65 -0.28
N GLY A 546 -10.48 -7.09 0.72
CA GLY A 546 -10.93 -7.88 1.84
C GLY A 546 -9.82 -8.15 2.84
N GLN A 547 -10.10 -9.10 3.73
CA GLN A 547 -9.18 -9.45 4.81
C GLN A 547 -8.63 -10.86 4.71
N PHE A 548 -9.40 -11.81 4.16
CA PHE A 548 -8.94 -13.18 4.06
C PHE A 548 -7.95 -13.29 2.90
N TYR A 549 -7.58 -14.53 2.55
CA TYR A 549 -6.56 -14.79 1.53
C TYR A 549 -7.14 -15.74 0.50
N PRO A 550 -7.81 -15.21 -0.53
CA PRO A 550 -8.36 -16.10 -1.56
C PRO A 550 -7.25 -16.72 -2.39
N VAL A 551 -6.54 -17.69 -1.81
CA VAL A 551 -5.44 -18.32 -2.53
C VAL A 551 -5.96 -19.11 -3.71
N ASN A 552 -7.08 -19.81 -3.51
CA ASN A 552 -7.67 -20.57 -4.62
C ASN A 552 -7.96 -19.68 -5.81
N LEU A 553 -8.33 -18.42 -5.57
CA LEU A 553 -8.54 -17.49 -6.68
C LEU A 553 -7.26 -17.28 -7.47
N LEU A 554 -6.15 -17.08 -6.76
CA LEU A 554 -4.86 -16.95 -7.43
C LEU A 554 -4.56 -18.20 -8.25
N ARG A 555 -4.76 -19.36 -7.63
CA ARG A 555 -4.43 -20.59 -8.33
C ARG A 555 -5.29 -20.74 -9.58
N ASN A 556 -6.58 -20.41 -9.49
CA ASN A 556 -7.47 -20.57 -10.65
C ASN A 556 -7.11 -19.59 -11.76
N VAL A 557 -6.80 -18.35 -11.39
CA VAL A 557 -6.40 -17.37 -12.39
C VAL A 557 -5.18 -17.89 -13.14
N ALA A 558 -4.26 -18.53 -12.42
CA ALA A 558 -3.12 -19.11 -13.11
C ALA A 558 -3.48 -20.38 -13.88
N MET A 559 -4.52 -21.11 -13.44
CA MET A 559 -4.93 -22.29 -14.18
C MET A 559 -5.40 -21.91 -15.58
N LYS A 560 -6.43 -21.06 -15.66
CA LYS A 560 -7.17 -20.95 -16.91
C LYS A 560 -6.30 -20.42 -18.03
N HIS A 561 -5.40 -19.48 -17.72
CA HIS A 561 -4.63 -18.79 -18.74
C HIS A 561 -3.23 -19.41 -18.79
N ILE A 562 -3.10 -20.47 -19.58
CA ILE A 562 -1.85 -21.19 -19.75
C ILE A 562 -1.68 -21.52 -21.22
N SER A 563 -0.46 -21.41 -21.73
CA SER A 563 -0.21 -21.55 -23.16
C SER A 563 0.22 -22.95 -23.57
N THR A 564 0.25 -23.90 -22.64
CA THR A 564 0.62 -25.28 -22.92
C THR A 564 -0.44 -26.19 -22.32
N PRO A 565 -0.55 -27.43 -22.80
CA PRO A 565 -1.65 -28.29 -22.40
C PRO A 565 -1.48 -28.93 -21.03
N TYR A 566 -0.27 -28.93 -20.47
CA TYR A 566 0.02 -29.64 -19.24
C TYR A 566 0.61 -28.66 -18.24
N MET A 567 0.51 -28.99 -16.95
CA MET A 567 0.88 -28.03 -15.93
C MET A 567 1.37 -28.74 -14.68
N PHE A 568 2.06 -27.98 -13.83
CA PHE A 568 2.57 -28.45 -12.55
C PHE A 568 2.10 -27.48 -11.49
N LEU A 569 1.49 -28.01 -10.44
CA LEU A 569 1.02 -27.20 -9.32
C LEU A 569 1.96 -27.34 -8.15
N SER A 570 2.38 -26.20 -7.59
CA SER A 570 3.32 -26.16 -6.48
C SER A 570 3.16 -24.80 -5.81
N ASP A 571 4.16 -24.42 -5.02
CA ASP A 571 4.19 -23.10 -4.41
C ASP A 571 5.54 -22.45 -4.69
N ILE A 572 5.53 -21.12 -4.76
CA ILE A 572 6.78 -20.37 -4.95
C ILE A 572 7.69 -20.53 -3.75
N ASP A 573 7.14 -20.93 -2.60
CA ASP A 573 7.93 -21.17 -1.39
C ASP A 573 8.66 -22.51 -1.44
N PHE A 574 8.75 -23.12 -2.62
CA PHE A 574 9.43 -24.38 -2.80
C PHE A 574 10.45 -24.19 -3.90
N LEU A 575 11.02 -25.27 -4.40
CA LEU A 575 12.15 -25.14 -5.31
C LEU A 575 12.41 -26.47 -6.02
N PRO A 576 12.48 -26.51 -7.34
CA PRO A 576 12.70 -27.80 -8.02
C PRO A 576 14.15 -28.11 -8.26
N MET A 577 14.44 -29.22 -8.93
CA MET A 577 15.80 -29.59 -9.24
C MET A 577 16.31 -28.78 -10.43
N TYR A 578 17.53 -29.08 -10.85
CA TYR A 578 18.09 -28.52 -12.08
C TYR A 578 17.74 -29.43 -13.23
N GLY A 579 16.89 -28.94 -14.14
CA GLY A 579 16.43 -29.74 -15.25
C GLY A 579 15.11 -30.44 -15.04
N LEU A 580 14.36 -30.08 -14.00
CA LEU A 580 13.04 -30.68 -13.80
C LEU A 580 12.16 -30.51 -15.01
N TYR A 581 12.33 -29.40 -15.75
CA TYR A 581 11.54 -29.19 -16.96
C TYR A 581 11.81 -30.29 -17.98
N GLU A 582 13.08 -30.56 -18.25
CA GLU A 582 13.41 -31.61 -19.21
C GLU A 582 12.90 -32.95 -18.75
N TYR A 583 13.10 -33.28 -17.47
CA TYR A 583 12.70 -34.59 -16.98
C TYR A 583 11.19 -34.76 -17.05
N LEU A 584 10.44 -33.71 -16.71
CA LEU A 584 8.99 -33.77 -16.83
C LEU A 584 8.58 -33.92 -18.29
N ARG A 585 9.28 -33.27 -19.20
CA ARG A 585 9.00 -33.46 -20.62
C ARG A 585 9.16 -34.93 -21.00
N LYS A 586 10.29 -35.53 -20.61
CA LYS A 586 10.50 -36.92 -20.95
C LYS A 586 9.42 -37.80 -20.35
N SER A 587 9.06 -37.54 -19.10
CA SER A 587 8.05 -38.38 -18.43
C SER A 587 6.70 -38.24 -19.11
N VAL A 588 6.34 -37.03 -19.53
CA VAL A 588 5.07 -36.81 -20.21
C VAL A 588 5.04 -37.58 -21.52
N ILE A 589 6.14 -37.50 -22.29
CA ILE A 589 6.16 -38.20 -23.57
C ILE A 589 6.28 -39.71 -23.40
N GLN A 590 6.77 -40.17 -22.25
CA GLN A 590 6.98 -41.60 -22.03
C GLN A 590 5.74 -42.28 -21.45
N LEU A 591 5.26 -41.81 -20.30
CA LEU A 591 4.08 -42.42 -19.70
C LEU A 591 2.84 -42.25 -20.57
N ASP A 592 2.88 -41.37 -21.56
CA ASP A 592 1.81 -41.23 -22.53
C ASP A 592 0.48 -40.88 -21.85
N LEU A 593 0.45 -39.71 -21.23
CA LEU A 593 -0.77 -39.19 -20.63
C LEU A 593 -1.67 -38.51 -21.66
N ALA A 594 -1.29 -38.51 -22.94
CA ALA A 594 -2.05 -37.79 -23.94
C ALA A 594 -3.49 -38.26 -24.04
N ASN A 595 -3.78 -39.48 -23.58
CA ASN A 595 -5.12 -40.05 -23.63
C ASN A 595 -5.75 -40.21 -22.26
N THR A 596 -5.04 -40.81 -21.32
CA THR A 596 -5.63 -41.18 -20.05
C THR A 596 -5.63 -40.02 -19.06
N LYS A 597 -6.37 -40.21 -17.98
CA LYS A 597 -6.46 -39.24 -16.89
C LYS A 597 -5.58 -39.68 -15.72
N LYS A 598 -4.27 -39.53 -15.89
CA LYS A 598 -3.33 -39.76 -14.80
C LYS A 598 -2.60 -38.48 -14.43
N ALA A 599 -2.02 -38.49 -13.23
CA ALA A 599 -1.26 -37.39 -12.68
C ALA A 599 0.10 -37.87 -12.19
N MET A 600 1.06 -36.96 -12.18
CA MET A 600 2.40 -37.22 -11.67
C MET A 600 2.64 -36.41 -10.42
N ILE A 601 3.37 -36.97 -9.46
CA ILE A 601 3.66 -36.31 -8.19
C ILE A 601 5.17 -36.24 -8.02
N VAL A 602 5.66 -35.08 -7.60
CA VAL A 602 7.07 -34.85 -7.28
C VAL A 602 7.18 -34.79 -5.76
N PRO A 603 8.02 -35.61 -5.12
CA PRO A 603 8.01 -35.68 -3.66
C PRO A 603 8.51 -34.38 -3.03
N ALA A 604 8.11 -34.17 -1.78
CA ALA A 604 8.37 -32.94 -1.07
C ALA A 604 9.22 -33.18 0.17
N PHE A 605 10.24 -32.34 0.37
CA PHE A 605 11.07 -32.36 1.56
C PHE A 605 11.11 -30.98 2.19
N GLU A 606 12.01 -30.81 3.17
CA GLU A 606 12.30 -29.49 3.71
C GLU A 606 13.68 -29.50 4.37
N THR A 607 14.27 -28.32 4.44
CA THR A 607 15.57 -28.09 5.06
C THR A 607 15.43 -26.97 6.07
N LEU A 608 16.34 -26.96 7.05
CA LEU A 608 16.32 -25.99 8.14
C LEU A 608 17.69 -25.35 8.31
N ARG A 609 18.26 -24.89 7.20
CA ARG A 609 19.50 -24.11 7.22
C ARG A 609 19.53 -23.26 5.97
N TYR A 610 19.69 -21.95 6.14
CA TYR A 610 19.50 -21.03 5.03
C TYR A 610 20.43 -21.34 3.87
N ARG A 611 21.71 -21.55 4.16
CA ARG A 611 22.75 -21.60 3.13
C ARG A 611 23.18 -23.05 2.94
N LEU A 612 22.60 -23.70 1.92
CA LEU A 612 23.02 -25.04 1.51
C LEU A 612 23.34 -25.03 0.03
N SER A 613 24.25 -25.93 -0.36
CA SER A 613 24.52 -26.14 -1.77
C SER A 613 23.35 -26.85 -2.44
N PHE A 614 23.32 -26.80 -3.76
CA PHE A 614 22.24 -27.42 -4.52
C PHE A 614 22.69 -28.81 -4.99
N PRO A 615 22.02 -29.88 -4.56
CA PRO A 615 22.40 -31.21 -5.04
C PRO A 615 22.40 -31.31 -6.56
N LYS A 616 22.86 -32.46 -7.03
CA LYS A 616 22.93 -32.76 -8.45
C LYS A 616 22.18 -34.03 -8.82
N SER A 617 22.34 -35.10 -8.04
CA SER A 617 21.76 -36.39 -8.36
C SER A 617 20.97 -36.92 -7.17
N LYS A 618 20.17 -37.97 -7.44
CA LYS A 618 19.34 -38.55 -6.41
C LYS A 618 20.18 -39.11 -5.27
N ALA A 619 21.28 -39.79 -5.61
CA ALA A 619 22.13 -40.36 -4.58
C ALA A 619 22.66 -39.26 -3.65
N GLU A 620 23.08 -38.14 -4.22
CA GLU A 620 23.58 -37.06 -3.40
C GLU A 620 22.47 -36.51 -2.51
N LEU A 621 21.27 -36.43 -3.06
CA LEU A 621 20.13 -35.96 -2.27
C LEU A 621 19.90 -36.85 -1.06
N LEU A 622 19.80 -38.16 -1.28
CA LEU A 622 19.59 -39.06 -0.16
C LEU A 622 20.77 -39.04 0.80
N SER A 623 21.96 -38.73 0.28
CA SER A 623 23.11 -38.58 1.16
C SER A 623 22.90 -37.45 2.14
N MET A 624 22.56 -36.25 1.65
CA MET A 624 22.28 -35.16 2.59
C MET A 624 21.13 -35.51 3.50
N LEU A 625 20.11 -36.19 2.97
CA LEU A 625 18.94 -36.53 3.77
C LEU A 625 19.34 -37.39 4.96
N ASP A 626 20.12 -38.44 4.72
CA ASP A 626 20.58 -39.29 5.81
C ASP A 626 21.59 -38.61 6.69
N MET A 627 22.29 -37.58 6.19
CA MET A 627 23.12 -36.77 7.06
C MET A 627 22.31 -36.09 8.14
N GLY A 628 21.00 -35.96 7.95
CA GLY A 628 20.12 -35.33 8.90
C GLY A 628 19.82 -33.87 8.64
N THR A 629 20.32 -33.32 7.54
CA THR A 629 20.08 -31.92 7.19
C THR A 629 18.77 -31.70 6.45
N LEU A 630 18.11 -32.77 6.00
CA LEU A 630 16.85 -32.67 5.28
C LEU A 630 15.84 -33.63 5.90
N PHE A 631 14.56 -33.32 5.71
CA PHE A 631 13.49 -34.15 6.24
C PHE A 631 12.34 -34.12 5.24
N THR A 632 11.31 -34.91 5.51
CA THR A 632 10.09 -34.82 4.72
C THR A 632 9.37 -33.52 5.04
N PHE A 633 8.77 -32.91 4.02
CA PHE A 633 8.08 -31.65 4.24
C PHE A 633 7.01 -31.82 5.31
N ARG A 634 6.97 -30.89 6.26
CA ARG A 634 6.05 -30.95 7.38
C ARG A 634 6.13 -32.29 8.10
N TYR A 635 7.31 -32.58 8.65
CA TYR A 635 7.54 -33.79 9.40
C TYR A 635 7.48 -33.59 10.91
N HIS A 636 7.01 -32.42 11.36
CA HIS A 636 6.89 -32.13 12.79
C HIS A 636 5.56 -31.52 13.20
N VAL A 637 4.74 -31.07 12.26
CA VAL A 637 3.43 -30.50 12.58
C VAL A 637 2.34 -31.30 11.86
N TRP A 638 2.38 -31.30 10.53
CA TRP A 638 1.41 -31.99 9.70
C TRP A 638 2.13 -33.14 9.01
N THR A 639 2.23 -34.28 9.69
CA THR A 639 2.94 -35.43 9.14
C THR A 639 2.13 -36.12 8.06
N LYS A 640 0.80 -36.12 8.18
CA LYS A 640 -0.05 -36.82 7.22
C LYS A 640 -0.06 -36.17 5.84
N GLY A 641 0.48 -34.97 5.71
CA GLY A 641 0.40 -34.28 4.42
C GLY A 641 1.10 -35.03 3.30
N HIS A 642 2.31 -35.53 3.58
CA HIS A 642 3.12 -36.20 2.57
C HIS A 642 3.56 -37.61 2.99
N ALA A 643 3.25 -38.02 4.21
CA ALA A 643 3.69 -39.34 4.67
C ALA A 643 3.29 -40.47 3.73
N PRO A 644 2.08 -40.52 3.18
CA PRO A 644 1.69 -41.66 2.33
C PRO A 644 2.67 -41.95 1.21
N THR A 645 3.50 -40.97 0.84
CA THR A 645 4.51 -41.22 -0.17
C THR A 645 5.58 -42.19 0.33
N ASN A 646 5.59 -42.49 1.64
CA ASN A 646 6.47 -43.49 2.24
C ASN A 646 7.85 -43.51 1.59
N PHE A 647 8.55 -42.37 1.67
CA PHE A 647 9.78 -42.19 0.91
C PHE A 647 10.71 -43.39 1.01
N ALA A 648 10.58 -44.20 2.07
CA ALA A 648 11.37 -45.41 2.16
C ALA A 648 11.24 -46.25 0.89
N LYS A 649 10.02 -46.36 0.36
CA LYS A 649 9.82 -47.11 -0.87
C LYS A 649 10.48 -46.42 -2.05
N TRP A 650 10.38 -45.09 -2.10
CA TRP A 650 10.90 -44.36 -3.25
C TRP A 650 12.42 -44.45 -3.33
N ARG A 651 13.09 -44.47 -2.18
CA ARG A 651 14.55 -44.40 -2.19
C ARG A 651 15.16 -45.41 -3.14
N THR A 652 14.67 -46.65 -3.11
CA THR A 652 15.17 -47.70 -3.99
C THR A 652 14.46 -47.72 -5.33
N ALA A 653 13.52 -46.81 -5.56
CA ALA A 653 12.71 -46.85 -6.78
C ALA A 653 13.58 -46.63 -8.01
N THR A 654 13.18 -47.25 -9.10
CA THR A 654 13.80 -47.02 -10.40
C THR A 654 12.79 -46.79 -11.52
N THR A 655 11.52 -47.11 -11.32
CA THR A 655 10.45 -46.81 -12.26
C THR A 655 9.26 -46.27 -11.48
N PRO A 656 8.40 -45.48 -12.12
CA PRO A 656 7.31 -44.85 -11.38
C PRO A 656 6.35 -45.90 -10.81
N TYR A 657 5.76 -45.58 -9.66
CA TYR A 657 4.86 -46.47 -8.98
C TYR A 657 3.59 -45.73 -8.55
N ARG A 658 2.48 -46.44 -8.58
CA ARG A 658 1.17 -45.88 -8.26
C ARG A 658 0.87 -46.01 -6.78
N VAL A 659 0.05 -45.10 -6.27
CA VAL A 659 -0.40 -45.12 -4.89
C VAL A 659 -1.89 -44.80 -4.86
N GLU A 660 -2.53 -45.18 -3.77
CA GLU A 660 -3.93 -44.87 -3.54
C GLU A 660 -4.02 -43.66 -2.62
N TRP A 661 -5.24 -43.31 -2.23
CA TRP A 661 -5.46 -42.16 -1.37
C TRP A 661 -5.30 -42.56 0.09
N GLU A 662 -4.91 -41.60 0.92
CA GLU A 662 -4.76 -41.80 2.35
C GLU A 662 -5.28 -40.56 3.08
N ALA A 663 -5.46 -40.69 4.38
CA ALA A 663 -5.98 -39.60 5.18
C ALA A 663 -5.11 -38.36 5.02
N ASP A 664 -5.75 -37.22 4.74
CA ASP A 664 -5.07 -35.93 4.69
C ASP A 664 -3.85 -35.98 3.77
N PHE A 665 -4.03 -36.55 2.60
CA PHE A 665 -2.94 -36.75 1.64
C PHE A 665 -2.97 -35.59 0.64
N GLU A 666 -1.92 -34.77 0.64
CA GLU A 666 -1.87 -33.53 -0.13
C GLU A 666 -0.56 -33.47 -0.91
N PRO A 667 -0.43 -34.26 -1.96
CA PRO A 667 0.78 -34.22 -2.78
C PRO A 667 0.78 -32.97 -3.66
N TYR A 668 1.83 -32.88 -4.48
CA TYR A 668 1.95 -31.86 -5.52
C TYR A 668 1.88 -32.56 -6.86
N VAL A 669 0.97 -32.11 -7.72
CA VAL A 669 0.58 -32.86 -8.91
C VAL A 669 1.08 -32.16 -10.16
N VAL A 670 1.39 -32.97 -11.17
CA VAL A 670 1.55 -32.53 -12.55
C VAL A 670 0.42 -33.18 -13.33
N VAL A 671 -0.37 -32.36 -14.01
CA VAL A 671 -1.67 -32.79 -14.51
C VAL A 671 -2.01 -32.07 -15.80
N ARG A 672 -2.98 -32.63 -16.53
CA ARG A 672 -3.57 -31.97 -17.68
C ARG A 672 -4.35 -30.73 -17.24
N ARG A 673 -4.73 -29.92 -18.22
CA ARG A 673 -5.36 -28.65 -17.92
C ARG A 673 -6.86 -28.76 -17.68
N ASP A 674 -7.42 -29.97 -17.75
CA ASP A 674 -8.84 -30.19 -17.50
C ASP A 674 -9.12 -30.53 -16.05
N CYS A 675 -8.11 -30.61 -15.19
CA CYS A 675 -8.33 -31.03 -13.82
C CYS A 675 -9.22 -29.99 -13.12
N PRO A 676 -9.98 -30.40 -12.11
CA PRO A 676 -11.02 -29.53 -11.58
C PRO A 676 -10.46 -28.25 -10.99
N GLU A 677 -11.26 -27.20 -11.09
CA GLU A 677 -10.93 -25.93 -10.45
C GLU A 677 -10.89 -26.11 -8.94
N TYR A 678 -10.03 -25.35 -8.28
CA TYR A 678 -9.94 -25.43 -6.84
C TYR A 678 -11.25 -24.99 -6.21
N ASP A 679 -11.66 -25.69 -5.16
CA ASP A 679 -12.89 -25.35 -4.47
C ASP A 679 -12.74 -23.99 -3.83
N ARG A 680 -13.65 -23.08 -4.15
CA ARG A 680 -13.57 -21.72 -3.61
C ARG A 680 -14.11 -21.62 -2.20
N ARG A 681 -14.85 -22.63 -1.76
CA ARG A 681 -15.49 -22.57 -0.45
C ARG A 681 -14.46 -22.46 0.67
N PHE A 682 -13.25 -22.94 0.44
CA PHE A 682 -12.17 -22.86 1.42
C PHE A 682 -11.24 -21.72 1.03
N VAL A 683 -11.07 -20.75 1.92
CA VAL A 683 -10.27 -19.57 1.66
C VAL A 683 -9.35 -19.33 2.86
N GLY A 684 -8.12 -18.90 2.58
CA GLY A 684 -7.15 -18.59 3.61
C GLY A 684 -5.95 -19.54 3.53
N PHE A 685 -5.42 -19.88 4.70
CA PHE A 685 -4.30 -20.81 4.82
C PHE A 685 -4.75 -22.05 5.57
N GLY A 686 -4.36 -23.22 5.07
CA GLY A 686 -4.69 -24.48 5.71
C GLY A 686 -5.78 -25.24 4.98
N TRP A 687 -5.51 -26.49 4.62
CA TRP A 687 -6.47 -27.31 3.91
C TRP A 687 -7.04 -26.54 2.73
N ASN A 688 -6.10 -26.00 1.95
CA ASN A 688 -6.34 -25.32 0.68
C ASN A 688 -6.04 -26.21 -0.51
N LYS A 689 -5.44 -27.38 -0.30
CA LYS A 689 -4.99 -28.25 -1.38
C LYS A 689 -5.54 -29.66 -1.32
N VAL A 690 -5.58 -30.28 -0.13
CA VAL A 690 -6.03 -31.66 -0.06
C VAL A 690 -7.47 -31.78 -0.53
N ALA A 691 -8.26 -30.71 -0.39
CA ALA A 691 -9.60 -30.72 -0.95
C ALA A 691 -9.57 -30.88 -2.46
N HIS A 692 -8.67 -30.18 -3.14
CA HIS A 692 -8.52 -30.37 -4.57
C HIS A 692 -8.07 -31.79 -4.89
N ILE A 693 -7.22 -32.37 -4.04
CA ILE A 693 -6.76 -33.73 -4.28
C ILE A 693 -7.93 -34.71 -4.20
N MET A 694 -8.79 -34.56 -3.19
CA MET A 694 -9.92 -35.48 -3.07
C MET A 694 -10.96 -35.22 -4.13
N GLU A 695 -11.01 -33.99 -4.67
CA GLU A 695 -11.83 -33.74 -5.85
C GLU A 695 -11.27 -34.45 -7.07
N LEU A 696 -9.95 -34.44 -7.23
CA LEU A 696 -9.31 -35.04 -8.39
C LEU A 696 -9.21 -36.55 -8.29
N ASP A 697 -9.42 -37.11 -7.09
CA ASP A 697 -9.32 -38.55 -6.91
C ASP A 697 -10.66 -39.24 -7.17
N VAL A 698 -11.73 -38.69 -6.61
CA VAL A 698 -13.06 -39.26 -6.79
C VAL A 698 -13.38 -39.32 -8.28
N GLN A 699 -12.75 -38.46 -9.08
CA GLN A 699 -12.98 -38.42 -10.52
C GLN A 699 -12.13 -39.44 -11.27
N GLU A 700 -11.65 -40.48 -10.58
CA GLU A 700 -10.97 -41.59 -11.23
C GLU A 700 -9.71 -41.13 -11.98
N TYR A 701 -8.85 -40.39 -11.27
CA TYR A 701 -7.51 -40.07 -11.75
C TYR A 701 -6.52 -40.94 -11.00
N GLU A 702 -5.76 -41.75 -11.72
CA GLU A 702 -4.72 -42.54 -11.10
C GLU A 702 -3.54 -41.65 -10.74
N PHE A 703 -2.74 -42.10 -9.78
CA PHE A 703 -1.61 -41.33 -9.28
C PHE A 703 -0.31 -42.05 -9.62
N ILE A 704 0.67 -41.27 -10.07
CA ILE A 704 2.02 -41.75 -10.33
C ILE A 704 2.99 -40.85 -9.58
N VAL A 705 3.93 -41.46 -8.88
CA VAL A 705 4.98 -40.73 -8.16
C VAL A 705 6.27 -40.88 -8.96
N LEU A 706 6.77 -39.77 -9.49
CA LEU A 706 7.93 -39.83 -10.36
C LEU A 706 9.15 -40.28 -9.57
N PRO A 707 9.97 -41.20 -10.08
CA PRO A 707 11.10 -41.70 -9.30
C PRO A 707 12.29 -40.77 -9.29
N ASN A 708 12.60 -40.17 -10.43
CA ASN A 708 13.83 -39.43 -10.63
C ASN A 708 13.62 -37.92 -10.57
N ALA A 709 12.76 -37.46 -9.65
CA ALA A 709 12.54 -36.03 -9.45
C ALA A 709 12.38 -35.76 -7.97
N TYR A 710 12.71 -34.53 -7.57
CA TYR A 710 12.52 -34.10 -6.20
C TYR A 710 12.39 -32.58 -6.19
N MET A 711 12.04 -32.05 -5.03
CA MET A 711 11.90 -30.60 -4.90
C MET A 711 11.89 -30.21 -3.43
N ILE A 712 12.79 -29.30 -3.06
CA ILE A 712 13.23 -29.12 -1.68
C ILE A 712 12.84 -27.75 -1.18
N HIS A 713 12.28 -27.70 0.02
CA HIS A 713 11.77 -26.47 0.59
C HIS A 713 12.89 -25.60 1.13
N MET A 714 12.79 -24.27 0.89
CA MET A 714 13.74 -23.27 1.38
C MET A 714 13.11 -22.50 2.54
N PRO A 715 13.74 -22.48 3.72
CA PRO A 715 13.07 -21.93 4.91
C PRO A 715 12.47 -20.55 4.66
N HIS A 716 11.45 -20.22 5.43
CA HIS A 716 10.74 -18.96 5.28
C HIS A 716 10.04 -18.61 6.58
N ALA A 717 9.92 -17.32 6.84
CA ALA A 717 9.23 -16.81 8.00
C ALA A 717 7.72 -16.97 7.85
N PRO A 718 6.97 -16.91 8.94
CA PRO A 718 5.52 -17.01 8.86
C PRO A 718 4.89 -15.72 8.35
N SER A 719 3.58 -15.78 8.13
CA SER A 719 2.77 -14.65 7.72
C SER A 719 1.54 -14.57 8.62
N PHE A 720 0.71 -13.55 8.38
CA PHE A 720 -0.46 -13.34 9.23
C PHE A 720 -1.55 -14.36 8.99
N ASP A 721 -1.55 -15.04 7.84
CA ASP A 721 -2.60 -16.02 7.56
C ASP A 721 -2.59 -17.15 8.59
N ILE A 722 -1.40 -17.67 8.91
CA ILE A 722 -1.32 -18.72 9.92
C ILE A 722 -1.71 -18.17 11.29
N THR A 723 -1.37 -16.92 11.57
CA THR A 723 -1.75 -16.32 12.84
C THR A 723 -3.26 -16.27 13.00
N LYS A 724 -3.96 -15.79 11.96
CA LYS A 724 -5.42 -15.79 11.98
C LYS A 724 -5.99 -17.20 12.00
N PHE A 725 -5.27 -18.18 11.44
CA PHE A 725 -5.69 -19.57 11.51
C PHE A 725 -5.62 -20.13 12.93
N ARG A 726 -4.77 -19.55 13.79
CA ARG A 726 -4.67 -19.95 15.18
C ARG A 726 -5.27 -18.92 16.13
N SER A 727 -5.97 -17.91 15.59
CA SER A 727 -6.39 -16.78 16.42
C SER A 727 -7.66 -17.09 17.20
N ASN A 728 -8.76 -17.36 16.49
CA ASN A 728 -10.07 -17.49 17.11
C ASN A 728 -10.72 -18.80 16.69
N LYS A 729 -11.58 -19.32 17.58
CA LYS A 729 -12.27 -20.57 17.32
C LYS A 729 -13.38 -20.45 16.30
N GLN A 730 -13.94 -19.25 16.11
CA GLN A 730 -15.01 -19.07 15.13
C GLN A 730 -14.52 -19.42 13.73
N TYR A 731 -13.28 -19.06 13.40
CA TYR A 731 -12.72 -19.44 12.11
C TYR A 731 -12.67 -20.96 11.96
N ARG A 732 -12.25 -21.65 13.02
CA ARG A 732 -12.19 -23.12 12.96
C ARG A 732 -13.57 -23.72 12.80
N ILE A 733 -14.57 -23.16 13.51
CA ILE A 733 -15.93 -23.68 13.41
C ILE A 733 -16.46 -23.51 12.00
N CYS A 734 -16.25 -22.32 11.42
CA CYS A 734 -16.69 -22.10 10.04
C CYS A 734 -15.97 -23.04 9.08
N LEU A 735 -14.67 -23.26 9.31
CA LEU A 735 -13.93 -24.21 8.50
C LEU A 735 -14.59 -25.57 8.54
N LYS A 736 -14.93 -26.05 9.75
CA LYS A 736 -15.58 -27.34 9.88
C LYS A 736 -16.92 -27.36 9.15
N THR A 737 -17.69 -26.30 9.26
CA THR A 737 -18.98 -26.25 8.58
C THR A 737 -18.78 -26.42 7.08
N LEU A 738 -17.84 -25.66 6.52
CA LEU A 738 -17.48 -25.83 5.12
C LEU A 738 -17.02 -27.26 4.84
N LYS A 739 -16.40 -27.92 5.83
CA LYS A 739 -15.97 -29.31 5.65
C LYS A 739 -17.17 -30.23 5.39
N GLU A 740 -18.14 -30.23 6.32
CA GLU A 740 -19.29 -31.12 6.08
C GLU A 740 -20.03 -30.72 4.82
N GLU A 741 -20.12 -29.42 4.53
CA GLU A 741 -20.78 -29.00 3.30
C GLU A 741 -20.09 -29.59 2.07
N PHE A 742 -18.75 -29.51 2.02
CA PHE A 742 -18.03 -30.05 0.88
C PHE A 742 -18.25 -31.55 0.77
N GLN A 743 -18.17 -32.26 1.90
CA GLN A 743 -18.37 -33.70 1.85
C GLN A 743 -19.75 -34.02 1.26
N GLN A 744 -20.79 -33.38 1.79
CA GLN A 744 -22.15 -33.69 1.35
C GLN A 744 -22.31 -33.37 -0.13
N ASP A 745 -21.83 -32.21 -0.57
CA ASP A 745 -22.08 -31.83 -1.97
C ASP A 745 -21.28 -32.69 -2.92
N MET A 746 -20.05 -33.04 -2.55
CA MET A 746 -19.24 -33.90 -3.41
C MET A 746 -19.90 -35.27 -3.53
N SER A 747 -20.43 -35.79 -2.41
CA SER A 747 -21.25 -37.00 -2.50
C SER A 747 -22.41 -36.80 -3.45
N ARG A 748 -23.19 -35.73 -3.23
CA ARG A 748 -24.38 -35.51 -4.05
C ARG A 748 -24.05 -35.55 -5.52
N ARG A 749 -22.97 -34.88 -5.92
CA ARG A 749 -22.60 -34.87 -7.33
C ARG A 749 -21.97 -36.18 -7.79
N TYR A 750 -21.49 -37.01 -6.87
CA TYR A 750 -20.97 -38.31 -7.30
C TYR A 750 -21.56 -39.49 -6.55
N GLY A 751 -21.83 -39.35 -5.24
CA GLY A 751 -22.65 -40.34 -4.55
C GLY A 751 -21.89 -41.38 -3.75
N PHE A 752 -22.09 -42.65 -4.12
CA PHE A 752 -21.59 -43.74 -3.29
C PHE A 752 -20.07 -43.68 -3.14
N ALA A 753 -19.36 -43.37 -4.23
CA ALA A 753 -17.91 -43.30 -4.15
C ALA A 753 -17.45 -42.38 -3.03
N ALA A 754 -18.19 -41.31 -2.78
CA ALA A 754 -17.81 -40.35 -1.74
C ALA A 754 -17.76 -40.99 -0.36
N LEU A 755 -18.65 -41.94 -0.09
CA LEU A 755 -18.79 -42.47 1.26
C LEU A 755 -17.43 -42.85 1.85
N LYS A 756 -16.53 -43.37 1.01
CA LYS A 756 -15.20 -43.72 1.47
C LYS A 756 -14.62 -42.65 2.38
N TYR A 757 -14.43 -41.44 1.85
CA TYR A 757 -13.84 -40.38 2.67
C TYR A 757 -14.66 -40.17 3.92
N LEU A 758 -15.99 -40.09 3.77
CA LEU A 758 -16.86 -39.92 4.94
C LEU A 758 -16.54 -40.98 5.97
N THR A 759 -16.48 -42.25 5.55
CA THR A 759 -16.21 -43.32 6.49
C THR A 759 -14.91 -43.06 7.25
N ALA A 760 -13.88 -42.60 6.54
CA ALA A 760 -12.63 -42.28 7.21
C ALA A 760 -12.86 -41.27 8.33
N GLU A 761 -13.56 -40.18 8.03
CA GLU A 761 -13.83 -39.19 9.06
C GLU A 761 -14.70 -39.75 10.17
N ASN A 762 -15.56 -40.73 9.85
CA ASN A 762 -16.31 -41.40 10.89
C ASN A 762 -15.38 -42.23 11.77
N ASN A 763 -14.38 -42.88 11.16
CA ASN A 763 -13.45 -43.70 11.94
C ASN A 763 -12.56 -42.84 12.84
N SER A 764 -12.12 -41.69 12.33
CA SER A 764 -11.25 -40.82 13.10
C SER A 764 -12.05 -40.05 14.15
N GLU B 141 -14.90 34.95 -2.10
CA GLU B 141 -13.71 35.47 -2.73
C GLU B 141 -12.81 34.34 -3.24
N LYS B 142 -13.31 33.11 -3.14
CA LYS B 142 -12.62 31.92 -3.63
C LYS B 142 -11.44 31.55 -2.73
N CYS B 143 -11.10 32.43 -1.79
CA CYS B 143 -10.10 32.10 -0.76
C CYS B 143 -10.48 32.92 0.48
N GLU B 144 -11.28 32.31 1.36
CA GLU B 144 -11.69 32.94 2.60
C GLU B 144 -11.00 32.33 3.81
N THR B 145 -10.12 31.34 3.58
CA THR B 145 -9.38 30.70 4.66
C THR B 145 -10.36 30.11 5.68
N ILE B 146 -11.04 29.06 5.23
CA ILE B 146 -12.01 28.35 6.05
C ILE B 146 -11.39 28.01 7.40
N HIS B 147 -12.19 28.12 8.46
CA HIS B 147 -11.71 27.92 9.82
C HIS B 147 -12.47 26.76 10.46
N VAL B 148 -11.76 25.93 11.22
CA VAL B 148 -12.29 24.72 11.81
C VAL B 148 -11.84 24.64 13.25
N ALA B 149 -12.58 23.87 14.05
CA ALA B 149 -12.23 23.62 15.44
C ALA B 149 -12.54 22.18 15.77
N ILE B 150 -11.56 21.48 16.35
CA ILE B 150 -11.67 20.06 16.66
C ILE B 150 -11.22 19.87 18.10
N VAL B 151 -11.94 19.04 18.84
CA VAL B 151 -11.57 18.67 20.20
C VAL B 151 -10.83 17.35 20.18
N CYS B 152 -9.61 17.35 20.72
CA CYS B 152 -8.76 16.16 20.78
C CYS B 152 -8.50 15.83 22.24
N ALA B 153 -8.66 14.55 22.60
CA ALA B 153 -8.44 14.10 23.97
C ALA B 153 -8.13 12.61 23.93
N GLY B 154 -6.91 12.25 24.32
CA GLY B 154 -6.50 10.86 24.31
C GLY B 154 -5.88 10.46 22.98
N TYR B 155 -5.18 9.33 23.02
CA TYR B 155 -4.43 8.89 21.84
C TYR B 155 -5.37 8.52 20.70
N ASN B 156 -6.51 7.91 21.03
CA ASN B 156 -7.47 7.51 20.01
C ASN B 156 -7.94 8.73 19.22
N ALA B 157 -8.28 9.81 19.91
CA ALA B 157 -8.67 11.03 19.21
C ALA B 157 -7.48 11.62 18.46
N SER B 158 -6.29 11.57 19.07
CA SER B 158 -5.11 12.12 18.41
C SER B 158 -4.91 11.47 17.06
N ARG B 159 -5.27 10.19 16.94
CA ARG B 159 -5.09 9.45 15.71
C ARG B 159 -6.32 9.43 14.81
N ASP B 160 -7.48 9.83 15.33
CA ASP B 160 -8.67 9.96 14.48
C ASP B 160 -8.75 11.33 13.80
N VAL B 161 -8.20 12.37 14.43
CA VAL B 161 -8.17 13.68 13.77
C VAL B 161 -7.35 13.60 12.50
N VAL B 162 -6.41 12.66 12.42
CA VAL B 162 -5.67 12.48 11.18
C VAL B 162 -6.61 12.10 10.05
N THR B 163 -7.50 11.13 10.29
CA THR B 163 -8.45 10.72 9.27
C THR B 163 -9.39 11.86 8.93
N LEU B 164 -9.89 12.58 9.94
CA LEU B 164 -10.81 13.67 9.63
C LEU B 164 -10.14 14.72 8.76
N VAL B 165 -8.89 15.09 9.09
CA VAL B 165 -8.19 16.09 8.32
C VAL B 165 -7.92 15.58 6.92
N LYS B 166 -7.62 14.30 6.78
CA LYS B 166 -7.48 13.71 5.46
C LYS B 166 -8.74 13.91 4.65
N SER B 167 -9.89 13.64 5.27
CA SER B 167 -11.17 13.76 4.57
C SER B 167 -11.41 15.20 4.14
N VAL B 168 -11.21 16.16 5.05
CA VAL B 168 -11.42 17.56 4.69
C VAL B 168 -10.49 17.95 3.55
N LEU B 169 -9.21 17.59 3.66
CA LEU B 169 -8.23 18.06 2.70
C LEU B 169 -8.37 17.41 1.34
N PHE B 170 -8.98 16.22 1.26
CA PHE B 170 -9.03 15.51 -0.02
C PHE B 170 -9.80 16.32 -1.05
N HIS B 171 -10.90 16.96 -0.63
CA HIS B 171 -11.75 17.73 -1.52
C HIS B 171 -11.51 19.23 -1.43
N ARG B 172 -10.45 19.64 -0.75
CA ARG B 172 -10.20 21.06 -0.54
C ARG B 172 -9.95 21.77 -1.86
N ARG B 173 -10.33 23.05 -1.91
CA ARG B 173 -9.97 23.94 -3.01
C ARG B 173 -9.50 25.30 -2.57
N ASN B 174 -9.72 25.69 -1.32
CA ASN B 174 -9.33 26.99 -0.80
C ASN B 174 -8.59 26.80 0.52
N PRO B 175 -7.83 27.80 0.96
CA PRO B 175 -6.95 27.60 2.11
C PRO B 175 -7.74 27.25 3.37
N LEU B 176 -7.09 26.50 4.26
CA LEU B 176 -7.70 26.04 5.50
C LEU B 176 -6.95 26.59 6.69
N HIS B 177 -7.58 26.51 7.86
CA HIS B 177 -7.01 27.05 9.09
C HIS B 177 -7.66 26.33 10.26
N PHE B 178 -6.97 25.35 10.83
CA PHE B 178 -7.53 24.56 11.91
C PHE B 178 -7.32 25.25 13.26
N HIS B 179 -7.94 24.68 14.28
CA HIS B 179 -7.82 25.16 15.66
C HIS B 179 -8.10 23.97 16.56
N LEU B 180 -7.05 23.30 17.01
CA LEU B 180 -7.20 22.09 17.79
C LEU B 180 -7.00 22.40 19.26
N ILE B 181 -8.05 22.19 20.05
CA ILE B 181 -7.93 22.23 21.50
C ILE B 181 -7.40 20.87 21.94
N ALA B 182 -6.19 20.87 22.50
CA ALA B 182 -5.50 19.61 22.76
C ALA B 182 -4.90 19.61 24.16
N ASP B 183 -4.78 18.40 24.72
CA ASP B 183 -4.04 18.20 25.95
C ASP B 183 -2.57 18.10 25.60
N SER B 184 -1.72 17.85 26.60
CA SER B 184 -0.28 17.87 26.35
C SER B 184 0.11 16.80 25.33
N ILE B 185 -0.35 15.57 25.54
CA ILE B 185 0.08 14.47 24.69
C ILE B 185 -0.41 14.68 23.26
N ALA B 186 -1.70 14.98 23.10
CA ALA B 186 -2.22 15.27 21.78
C ALA B 186 -1.53 16.48 21.18
N GLU B 187 -1.22 17.47 22.02
CA GLU B 187 -0.51 18.64 21.51
C GLU B 187 0.80 18.23 20.86
N GLN B 188 1.60 17.42 21.56
CA GLN B 188 2.88 17.00 21.00
C GLN B 188 2.66 16.20 19.71
N ILE B 189 1.76 15.22 19.76
CA ILE B 189 1.57 14.34 18.60
C ILE B 189 1.21 15.17 17.38
N LEU B 190 0.19 16.02 17.52
CA LEU B 190 -0.32 16.73 16.36
C LEU B 190 0.61 17.84 15.92
N ALA B 191 1.32 18.48 16.86
CA ALA B 191 2.33 19.43 16.47
C ALA B 191 3.35 18.78 15.55
N THR B 192 3.90 17.64 15.98
CA THR B 192 4.91 16.99 15.15
C THR B 192 4.31 16.56 13.82
N LEU B 193 3.10 15.98 13.86
CA LEU B 193 2.49 15.48 12.64
C LEU B 193 2.32 16.59 11.62
N PHE B 194 1.70 17.70 12.02
CA PHE B 194 1.41 18.76 11.06
C PHE B 194 2.70 19.46 10.63
N GLN B 195 3.62 19.70 11.56
CA GLN B 195 4.88 20.30 11.17
C GLN B 195 5.64 19.40 10.20
N THR B 196 5.30 18.11 10.15
CA THR B 196 5.96 17.22 9.22
C THR B 196 5.21 17.06 7.89
N TRP B 197 3.89 17.26 7.86
CA TRP B 197 3.19 17.11 6.58
C TRP B 197 3.71 18.09 5.54
N MET B 198 3.94 19.34 5.95
CA MET B 198 4.29 20.41 5.02
C MET B 198 3.14 20.68 4.05
N VAL B 199 1.92 20.72 4.57
CA VAL B 199 0.75 20.97 3.71
C VAL B 199 0.78 22.39 3.20
N PRO B 200 0.33 22.68 1.98
CA PRO B 200 0.26 24.06 1.52
C PRO B 200 -1.08 24.69 1.79
N ALA B 201 -1.04 26.00 2.05
CA ALA B 201 -2.24 26.78 2.33
C ALA B 201 -3.03 26.20 3.51
N VAL B 202 -2.32 25.60 4.47
CA VAL B 202 -2.92 25.04 5.67
C VAL B 202 -2.12 25.51 6.86
N ARG B 203 -2.82 25.88 7.93
CA ARG B 203 -2.20 26.37 9.15
C ARG B 203 -2.79 25.61 10.33
N VAL B 204 -2.04 25.53 11.41
CA VAL B 204 -2.44 24.75 12.57
C VAL B 204 -2.05 25.51 13.83
N ASP B 205 -3.04 25.82 14.66
CA ASP B 205 -2.81 26.52 15.92
C ASP B 205 -3.41 25.69 17.05
N PHE B 206 -2.58 25.36 18.02
CA PHE B 206 -2.94 24.46 19.09
C PHE B 206 -3.30 25.28 20.33
N TYR B 207 -4.41 24.93 20.96
CA TYR B 207 -4.88 25.65 22.13
C TYR B 207 -4.85 24.73 23.33
N ASN B 208 -4.26 25.20 24.42
CA ASN B 208 -4.13 24.38 25.61
C ASN B 208 -5.49 24.14 26.25
N ALA B 209 -5.69 22.93 26.74
CA ALA B 209 -6.89 22.57 27.46
C ALA B 209 -6.70 22.52 28.97
N ASP B 210 -5.46 22.37 29.44
CA ASP B 210 -5.23 22.30 30.88
C ASP B 210 -5.69 23.59 31.57
N GLU B 211 -5.39 24.74 30.98
CA GLU B 211 -5.79 26.01 31.58
C GLU B 211 -7.30 26.19 31.54
N LEU B 212 -7.94 25.71 30.47
CA LEU B 212 -9.39 25.85 30.29
C LEU B 212 -10.16 24.65 30.80
N LYS B 213 -9.49 23.69 31.44
CA LYS B 213 -10.19 22.51 31.91
C LYS B 213 -11.22 22.87 32.99
N SER B 214 -10.85 23.75 33.91
CA SER B 214 -11.69 24.03 35.07
C SER B 214 -13.03 24.65 34.70
N GLU B 215 -13.10 25.34 33.55
CA GLU B 215 -14.30 26.08 33.21
C GLU B 215 -15.55 25.19 33.29
N VAL B 216 -15.49 24.00 32.70
CA VAL B 216 -16.63 23.09 32.70
C VAL B 216 -16.53 22.04 33.80
N SER B 217 -15.56 22.18 34.70
CA SER B 217 -15.35 21.16 35.72
C SER B 217 -16.57 20.97 36.60
N TRP B 218 -17.46 21.96 36.66
CA TRP B 218 -18.64 21.91 37.52
C TRP B 218 -19.82 21.22 36.86
N ILE B 219 -19.68 20.73 35.63
CA ILE B 219 -20.77 20.08 34.91
C ILE B 219 -20.49 18.58 34.91
N PRO B 220 -21.21 17.78 35.70
CA PRO B 220 -21.03 16.32 35.61
C PRO B 220 -21.40 15.80 34.23
N ASN B 221 -20.70 14.75 33.81
CA ASN B 221 -20.87 14.17 32.48
C ASN B 221 -20.75 12.65 32.57
N LYS B 222 -21.32 11.98 31.56
CA LYS B 222 -21.27 10.52 31.47
C LYS B 222 -20.84 10.02 30.09
N HIS B 223 -20.59 10.89 29.13
CA HIS B 223 -20.20 10.46 27.80
C HIS B 223 -18.86 9.74 27.83
N TYR B 224 -18.70 8.74 26.96
CA TYR B 224 -17.46 7.99 26.92
C TYR B 224 -16.28 8.87 26.53
N SER B 225 -16.53 9.93 25.77
CA SER B 225 -15.44 10.82 25.37
C SER B 225 -14.80 11.48 26.58
N GLY B 226 -15.60 11.88 27.56
CA GLY B 226 -15.12 12.47 28.78
C GLY B 226 -15.55 13.92 28.94
N ILE B 227 -14.92 14.58 29.91
CA ILE B 227 -15.23 15.99 30.18
C ILE B 227 -14.86 16.87 28.99
N TYR B 228 -13.99 16.40 28.11
CA TYR B 228 -13.60 17.20 26.95
C TYR B 228 -14.74 17.43 25.98
N GLY B 229 -15.80 16.62 26.05
CA GLY B 229 -16.93 16.83 25.16
C GLY B 229 -17.63 18.15 25.41
N LEU B 230 -17.89 18.46 26.68
CA LEU B 230 -18.59 19.70 27.02
C LEU B 230 -17.85 20.92 26.50
N MET B 231 -16.52 20.91 26.63
CA MET B 231 -15.70 22.07 26.27
C MET B 231 -16.02 22.62 24.89
N LYS B 232 -16.63 21.83 24.00
CA LYS B 232 -16.97 22.35 22.67
C LYS B 232 -17.90 23.55 22.73
N LEU B 233 -18.40 23.93 23.90
CA LEU B 233 -19.22 25.13 24.00
C LEU B 233 -18.44 26.35 24.48
N VAL B 234 -17.30 26.17 25.15
CA VAL B 234 -16.53 27.30 25.65
C VAL B 234 -15.68 27.95 24.57
N LEU B 235 -15.77 27.48 23.33
CA LEU B 235 -14.92 27.99 22.27
C LEU B 235 -14.94 29.52 22.22
N THR B 236 -16.11 30.12 22.41
CA THR B 236 -16.22 31.57 22.30
C THR B 236 -15.17 32.25 23.17
N LYS B 237 -15.02 31.82 24.42
CA LYS B 237 -14.03 32.43 25.28
C LYS B 237 -12.62 32.07 24.83
N THR B 238 -12.41 30.83 24.42
CA THR B 238 -11.06 30.35 24.16
C THR B 238 -10.49 30.95 22.88
N LEU B 239 -11.26 30.91 21.79
CA LEU B 239 -10.74 31.35 20.51
C LEU B 239 -10.56 32.86 20.48
N PRO B 240 -9.77 33.37 19.53
CA PRO B 240 -9.50 34.81 19.50
C PRO B 240 -10.75 35.60 19.16
N ALA B 241 -10.77 36.85 19.63
CA ALA B 241 -11.87 37.74 19.29
C ALA B 241 -11.80 38.21 17.84
N ASN B 242 -10.67 38.00 17.16
CA ASN B 242 -10.51 38.48 15.79
C ASN B 242 -11.11 37.52 14.77
N LEU B 243 -11.59 36.35 15.19
CA LEU B 243 -12.20 35.39 14.29
C LEU B 243 -13.73 35.49 14.38
N GLU B 244 -14.39 35.01 13.34
CA GLU B 244 -15.83 35.19 13.18
C GLU B 244 -16.61 33.89 13.19
N ARG B 245 -16.16 32.87 12.46
CA ARG B 245 -16.99 31.71 12.16
C ARG B 245 -16.12 30.48 12.07
N VAL B 246 -16.53 29.41 12.75
CA VAL B 246 -15.77 28.17 12.79
C VAL B 246 -16.73 26.99 12.70
N ILE B 247 -16.37 26.01 11.88
CA ILE B 247 -17.10 24.74 11.80
C ILE B 247 -16.55 23.81 12.87
N VAL B 248 -17.19 23.78 14.03
CA VAL B 248 -16.77 22.88 15.10
C VAL B 248 -17.17 21.48 14.71
N LEU B 249 -16.18 20.60 14.56
CA LEU B 249 -16.38 19.21 14.18
C LEU B 249 -15.81 18.30 15.25
N ASP B 250 -16.53 17.22 15.54
CA ASP B 250 -15.98 16.19 16.39
C ASP B 250 -14.96 15.36 15.59
N THR B 251 -14.19 14.55 16.32
CA THR B 251 -13.07 13.86 15.70
C THR B 251 -13.52 12.88 14.62
N ASP B 252 -14.64 12.19 14.85
CA ASP B 252 -14.98 11.01 14.07
C ASP B 252 -15.63 11.34 12.72
N ILE B 253 -15.94 12.61 12.45
CA ILE B 253 -16.59 12.94 11.20
C ILE B 253 -15.69 12.57 10.03
N THR B 254 -16.31 12.40 8.86
CA THR B 254 -15.58 12.22 7.62
C THR B 254 -16.34 12.93 6.51
N PHE B 255 -15.67 13.82 5.79
CA PHE B 255 -16.29 14.58 4.72
C PHE B 255 -16.02 13.88 3.39
N ALA B 256 -17.10 13.53 2.69
CA ALA B 256 -16.98 13.02 1.33
C ALA B 256 -16.87 14.13 0.29
N THR B 257 -17.11 15.38 0.69
CA THR B 257 -17.09 16.52 -0.22
C THR B 257 -16.30 17.66 0.41
N ASP B 258 -16.00 18.64 -0.42
CA ASP B 258 -15.25 19.81 0.05
C ASP B 258 -16.02 20.54 1.13
N ILE B 259 -15.29 21.03 2.13
CA ILE B 259 -15.89 21.85 3.18
C ILE B 259 -16.24 23.25 2.68
N ALA B 260 -15.90 23.58 1.43
CA ALA B 260 -16.28 24.87 0.89
C ALA B 260 -17.79 25.01 0.82
N GLU B 261 -18.48 23.95 0.39
CA GLU B 261 -19.94 24.01 0.31
C GLU B 261 -20.56 24.18 1.69
N LEU B 262 -20.05 23.46 2.70
CA LEU B 262 -20.57 23.63 4.05
C LEU B 262 -20.32 25.05 4.55
N TRP B 263 -19.12 25.58 4.27
CA TRP B 263 -18.83 26.96 4.62
C TRP B 263 -19.83 27.90 3.96
N ALA B 264 -20.26 27.57 2.74
CA ALA B 264 -21.20 28.42 2.02
C ALA B 264 -22.48 28.62 2.80
N VAL B 265 -22.85 27.70 3.69
CA VAL B 265 -24.07 27.84 4.46
C VAL B 265 -24.06 29.13 5.28
N PHE B 266 -22.90 29.74 5.45
CA PHE B 266 -22.79 31.01 6.16
C PHE B 266 -23.29 32.18 5.32
N HIS B 267 -23.89 31.92 4.17
CA HIS B 267 -24.56 32.93 3.37
C HIS B 267 -26.07 32.71 3.33
N LYS B 268 -26.64 32.08 4.36
CA LYS B 268 -28.07 31.83 4.43
C LYS B 268 -28.63 32.09 5.83
N PHE B 269 -27.82 32.62 6.75
CA PHE B 269 -28.27 32.89 8.10
C PHE B 269 -29.02 34.21 8.11
N LYS B 270 -30.22 34.21 8.68
CA LYS B 270 -31.05 35.40 8.77
C LYS B 270 -31.55 35.54 10.20
N GLY B 271 -32.00 36.74 10.52
CA GLY B 271 -32.54 36.98 11.85
C GLY B 271 -31.49 36.73 12.91
N GLN B 272 -31.94 36.19 14.04
CA GLN B 272 -31.06 35.89 15.16
C GLN B 272 -30.58 34.44 15.14
N GLN B 273 -30.45 33.86 13.95
CA GLN B 273 -29.94 32.51 13.78
C GLN B 273 -28.42 32.59 13.81
N VAL B 274 -27.86 32.37 14.99
CA VAL B 274 -26.42 32.53 15.19
C VAL B 274 -25.68 31.20 15.21
N LEU B 275 -26.29 30.13 15.69
CA LEU B 275 -25.72 28.79 15.64
C LEU B 275 -26.12 28.09 14.36
N GLY B 276 -25.45 26.99 14.07
CA GLY B 276 -25.83 26.13 12.97
C GLY B 276 -25.79 24.66 13.36
N LEU B 277 -26.92 23.97 13.31
CA LEU B 277 -26.99 22.59 13.73
C LEU B 277 -27.87 21.80 12.77
N VAL B 278 -27.95 20.48 13.03
CA VAL B 278 -28.75 19.57 12.24
C VAL B 278 -29.71 18.85 13.18
N GLU B 279 -30.85 18.43 12.64
CA GLU B 279 -31.80 17.66 13.44
C GLU B 279 -31.21 16.29 13.76
N ASN B 280 -31.42 15.84 15.00
CA ASN B 280 -30.97 14.51 15.38
C ASN B 280 -31.65 13.47 14.52
N GLN B 281 -30.88 12.46 14.09
CA GLN B 281 -31.39 11.38 13.27
C GLN B 281 -31.60 10.10 14.08
N SER B 282 -32.05 10.25 15.33
CA SER B 282 -32.33 9.09 16.17
C SER B 282 -33.62 9.30 16.92
N ASP B 283 -33.94 8.38 17.85
CA ASP B 283 -35.11 8.50 18.72
C ASP B 283 -34.70 8.67 20.17
N TRP B 284 -33.45 9.07 20.42
CA TRP B 284 -32.97 9.18 21.79
C TRP B 284 -33.81 10.16 22.59
N TYR B 285 -33.99 11.37 22.08
CA TYR B 285 -34.68 12.41 22.84
C TYR B 285 -36.20 12.20 22.88
N LEU B 286 -36.75 11.44 21.94
CA LEU B 286 -38.18 11.23 21.89
C LEU B 286 -38.72 10.49 23.11
N GLY B 287 -37.85 9.85 23.89
CA GLY B 287 -38.31 9.14 25.07
C GLY B 287 -39.21 7.97 24.77
N ASN B 288 -38.89 7.20 23.73
CA ASN B 288 -39.66 6.02 23.37
C ASN B 288 -38.80 4.83 22.98
N LEU B 289 -37.48 4.93 23.06
CA LEU B 289 -36.63 3.79 22.72
C LEU B 289 -36.87 2.62 23.66
N TRP B 290 -36.99 2.90 24.96
CA TRP B 290 -37.26 1.86 25.95
C TRP B 290 -37.97 2.49 27.14
N LYS B 291 -38.45 1.62 28.03
CA LYS B 291 -39.18 2.07 29.20
C LYS B 291 -38.27 2.80 30.18
N ASN B 292 -38.83 3.79 30.87
CA ASN B 292 -38.14 4.49 31.94
C ASN B 292 -36.93 5.26 31.41
N HIS B 293 -37.15 6.09 30.40
CA HIS B 293 -36.13 6.97 29.85
C HIS B 293 -36.61 8.40 29.97
N ARG B 294 -35.73 9.28 30.46
CA ARG B 294 -36.06 10.68 30.73
C ARG B 294 -35.00 11.56 30.09
N PRO B 295 -35.05 11.75 28.77
CA PRO B 295 -34.07 12.62 28.12
C PRO B 295 -34.29 14.08 28.47
N TRP B 296 -33.20 14.84 28.38
CA TRP B 296 -33.26 16.26 28.68
C TRP B 296 -34.12 16.98 27.65
N PRO B 297 -34.75 18.09 28.02
CA PRO B 297 -35.69 18.75 27.10
C PRO B 297 -35.01 19.16 25.81
N ALA B 298 -35.73 19.01 24.70
CA ALA B 298 -35.21 19.35 23.39
C ALA B 298 -36.37 19.57 22.43
N LEU B 299 -36.07 20.15 21.29
CA LEU B 299 -37.07 20.41 20.25
C LEU B 299 -37.22 19.17 19.39
N GLY B 300 -38.36 18.49 19.51
CA GLY B 300 -38.60 17.32 18.68
C GLY B 300 -37.56 16.25 18.91
N ARG B 301 -37.05 15.69 17.80
CA ARG B 301 -36.09 14.60 17.87
C ARG B 301 -34.78 15.00 18.52
N GLY B 302 -34.50 16.30 18.67
CA GLY B 302 -33.23 16.75 19.20
C GLY B 302 -32.23 17.00 18.10
N TYR B 303 -31.00 17.31 18.52
CA TYR B 303 -29.91 17.64 17.62
C TYR B 303 -28.65 16.92 18.05
N ASN B 304 -27.80 16.62 17.07
CA ASN B 304 -26.49 16.04 17.30
C ASN B 304 -25.44 17.10 16.97
N THR B 305 -24.57 17.38 17.94
CA THR B 305 -23.58 18.42 17.81
C THR B 305 -22.35 17.97 17.03
N GLY B 306 -22.48 16.93 16.22
CA GLY B 306 -21.33 16.47 15.45
C GLY B 306 -20.74 17.57 14.60
N VAL B 307 -21.59 18.39 13.98
CA VAL B 307 -21.16 19.51 13.17
C VAL B 307 -21.91 20.74 13.64
N ILE B 308 -21.18 21.79 14.00
CA ILE B 308 -21.77 23.05 14.44
C ILE B 308 -21.18 24.17 13.59
N LEU B 309 -22.03 25.02 13.06
CA LEU B 309 -21.63 26.17 12.27
C LEU B 309 -21.98 27.43 13.05
N LEU B 310 -20.95 28.16 13.50
CA LEU B 310 -21.14 29.26 14.43
C LEU B 310 -20.86 30.60 13.76
N LEU B 311 -21.33 31.65 14.44
CA LEU B 311 -20.99 33.03 14.12
C LEU B 311 -20.36 33.62 15.37
N LEU B 312 -19.05 33.43 15.51
CA LEU B 312 -18.36 33.79 16.75
C LEU B 312 -18.60 35.26 17.10
N ASP B 313 -18.47 36.13 16.11
CA ASP B 313 -18.63 37.56 16.33
C ASP B 313 -19.98 37.84 16.99
N LYS B 314 -21.05 37.27 16.45
CA LYS B 314 -22.37 37.49 17.03
C LYS B 314 -22.45 36.98 18.45
N LEU B 315 -22.08 35.71 18.67
CA LEU B 315 -22.20 35.13 20.00
C LEU B 315 -21.46 36.00 21.01
N ARG B 316 -20.35 36.59 20.59
CA ARG B 316 -19.66 37.56 21.44
C ARG B 316 -20.52 38.80 21.63
N LYS B 317 -21.22 39.23 20.57
CA LYS B 317 -22.01 40.45 20.64
C LYS B 317 -23.07 40.40 21.73
N MET B 318 -23.88 39.34 21.74
CA MET B 318 -25.06 39.32 22.61
C MET B 318 -24.84 38.45 23.84
N LYS B 319 -23.65 38.53 24.44
CA LYS B 319 -23.47 38.05 25.81
C LYS B 319 -23.79 36.55 25.92
N TRP B 320 -23.01 35.79 25.14
CA TRP B 320 -23.28 34.37 24.98
C TRP B 320 -22.95 33.56 26.22
N GLU B 321 -21.87 33.90 26.91
CA GLU B 321 -21.40 33.05 28.01
C GLU B 321 -22.47 32.91 29.09
N GLN B 322 -23.04 34.03 29.53
CA GLN B 322 -23.86 34.00 30.73
C GLN B 322 -25.15 33.23 30.53
N MET B 323 -25.83 33.39 29.39
CA MET B 323 -27.10 32.69 29.25
C MET B 323 -26.90 31.19 29.18
N TRP B 324 -25.87 30.70 28.47
CA TRP B 324 -25.70 29.26 28.44
C TRP B 324 -25.26 28.74 29.80
N ARG B 325 -24.46 29.51 30.53
CA ARG B 325 -24.12 29.09 31.89
C ARG B 325 -25.38 28.97 32.75
N LEU B 326 -26.24 29.99 32.67
CA LEU B 326 -27.47 29.99 33.46
C LEU B 326 -28.34 28.79 33.12
N THR B 327 -28.54 28.54 31.82
CA THR B 327 -29.27 27.35 31.42
C THR B 327 -28.60 26.10 31.98
N ALA B 328 -27.26 26.10 32.02
CA ALA B 328 -26.54 24.93 32.48
C ALA B 328 -26.91 24.58 33.91
N GLU B 329 -26.81 25.54 34.83
CA GLU B 329 -27.18 25.14 36.19
C GLU B 329 -28.68 24.95 36.31
N ARG B 330 -29.46 25.70 35.54
CA ARG B 330 -30.92 25.61 35.64
C ARG B 330 -31.41 24.20 35.30
N GLU B 331 -30.80 23.56 34.32
CA GLU B 331 -31.23 22.24 33.87
C GLU B 331 -30.57 21.11 34.64
N LEU B 332 -29.78 21.41 35.68
CA LEU B 332 -29.10 20.38 36.46
C LEU B 332 -29.62 20.28 37.89
N MET B 333 -30.58 21.12 38.28
CA MET B 333 -31.05 21.11 39.66
C MET B 333 -31.82 19.83 40.00
N GLY B 334 -32.57 19.29 39.04
CA GLY B 334 -33.43 18.17 39.31
C GLY B 334 -32.76 16.81 39.23
N MET B 335 -32.19 16.50 38.08
CA MET B 335 -31.58 15.20 37.83
C MET B 335 -30.11 15.21 38.20
N LEU B 336 -29.45 14.07 37.96
CA LEU B 336 -28.07 13.88 38.41
C LEU B 336 -27.08 14.56 37.47
N SER B 337 -27.05 14.14 36.21
CA SER B 337 -26.04 14.61 35.27
C SER B 337 -26.58 14.52 33.85
N THR B 338 -25.77 14.98 32.90
CA THR B 338 -26.14 14.94 31.50
C THR B 338 -26.02 13.53 30.94
N SER B 339 -26.59 13.33 29.74
CA SER B 339 -26.52 12.06 29.06
C SER B 339 -25.66 12.08 27.80
N LEU B 340 -25.40 13.26 27.22
CA LEU B 340 -24.57 13.35 26.02
C LEU B 340 -23.56 14.47 26.11
N ALA B 341 -23.28 15.00 27.29
CA ALA B 341 -22.24 16.01 27.51
C ALA B 341 -22.63 17.27 26.74
N ASP B 342 -21.75 17.84 25.92
CA ASP B 342 -22.08 19.09 25.23
C ASP B 342 -23.40 19.00 24.50
N GLN B 343 -23.64 17.88 23.80
CA GLN B 343 -24.85 17.75 23.01
C GLN B 343 -26.08 18.10 23.83
N ASP B 344 -26.11 17.72 25.11
CA ASP B 344 -27.24 18.04 25.96
C ASP B 344 -27.37 19.54 26.18
N ILE B 345 -26.29 20.19 26.64
CA ILE B 345 -26.37 21.59 27.00
C ILE B 345 -26.82 22.41 25.81
N PHE B 346 -26.20 22.17 24.64
CA PHE B 346 -26.62 22.89 23.45
C PHE B 346 -28.12 22.74 23.22
N ASN B 347 -28.64 21.52 23.30
CA ASN B 347 -30.08 21.34 23.11
C ASN B 347 -30.87 22.25 24.03
N ALA B 348 -30.43 22.38 25.28
CA ALA B 348 -31.12 23.30 26.19
C ALA B 348 -31.16 24.70 25.61
N VAL B 349 -29.99 25.25 25.26
CA VAL B 349 -29.94 26.58 24.67
C VAL B 349 -30.44 26.58 23.24
N ILE B 350 -30.79 25.41 22.71
CA ILE B 350 -31.54 25.35 21.47
C ILE B 350 -33.03 25.44 21.76
N LYS B 351 -33.50 24.77 22.82
CA LYS B 351 -34.93 24.73 23.10
C LYS B 351 -35.42 26.06 23.65
N GLN B 352 -34.67 26.65 24.58
CA GLN B 352 -35.14 27.85 25.27
C GLN B 352 -35.29 29.02 24.29
N ASN B 353 -34.38 29.12 23.33
CA ASN B 353 -34.37 30.24 22.38
C ASN B 353 -34.32 29.66 20.98
N PRO B 354 -35.48 29.31 20.41
CA PRO B 354 -35.48 28.60 19.12
C PRO B 354 -35.14 29.45 17.92
N PHE B 355 -34.77 30.71 18.12
CA PHE B 355 -34.47 31.61 17.02
C PHE B 355 -32.98 31.66 16.68
N LEU B 356 -32.15 30.89 17.38
CA LEU B 356 -30.73 30.85 17.10
C LEU B 356 -30.35 29.74 16.13
N VAL B 357 -31.08 28.62 16.15
CA VAL B 357 -30.73 27.46 15.36
C VAL B 357 -31.05 27.70 13.90
N TYR B 358 -30.65 26.77 13.05
CA TYR B 358 -30.91 26.85 11.62
C TYR B 358 -30.95 25.42 11.12
N GLN B 359 -32.15 24.90 10.85
CA GLN B 359 -32.32 23.48 10.65
C GLN B 359 -31.69 23.07 9.33
N LEU B 360 -30.37 22.89 9.33
CA LEU B 360 -29.68 22.48 8.12
C LEU B 360 -30.33 21.21 7.56
N PRO B 361 -30.13 20.93 6.28
CA PRO B 361 -30.69 19.71 5.71
C PRO B 361 -30.13 18.48 6.40
N CYS B 362 -30.96 17.43 6.47
CA CYS B 362 -30.58 16.23 7.21
C CYS B 362 -29.29 15.62 6.70
N PHE B 363 -28.98 15.77 5.43
CA PHE B 363 -27.87 15.03 4.83
C PHE B 363 -26.52 15.68 5.07
N TRP B 364 -26.39 16.48 6.12
CA TRP B 364 -25.09 17.05 6.49
C TRP B 364 -24.32 16.20 7.48
N ASN B 365 -25.00 15.31 8.21
CA ASN B 365 -24.30 14.35 9.05
C ASN B 365 -25.21 13.14 9.23
N VAL B 366 -24.99 12.10 8.43
CA VAL B 366 -25.89 10.96 8.44
C VAL B 366 -25.54 10.11 9.64
N GLN B 367 -26.11 10.45 10.79
CA GLN B 367 -25.83 9.73 12.02
C GLN B 367 -26.17 8.26 11.84
N LEU B 368 -25.25 7.38 12.23
CA LEU B 368 -25.42 5.95 12.11
C LEU B 368 -25.27 5.32 13.49
N SER B 369 -26.39 4.88 14.06
CA SER B 369 -26.40 4.22 15.36
C SER B 369 -27.13 2.89 15.20
N ASP B 370 -27.37 2.21 16.33
CA ASP B 370 -28.04 0.92 16.28
C ASP B 370 -29.49 1.04 15.85
N HIS B 371 -30.08 2.22 15.94
CA HIS B 371 -31.47 2.46 15.57
C HIS B 371 -31.56 3.62 14.58
N THR B 372 -30.70 3.58 13.55
CA THR B 372 -30.63 4.67 12.59
C THR B 372 -31.86 4.68 11.68
N ARG B 373 -32.18 5.86 11.18
CA ARG B 373 -33.25 6.04 10.20
C ARG B 373 -32.77 6.98 9.10
N SER B 374 -31.54 6.78 8.64
CA SER B 374 -30.96 7.60 7.57
C SER B 374 -31.42 7.19 6.19
N GLU B 375 -32.07 6.03 6.07
CA GLU B 375 -32.52 5.56 4.76
C GLU B 375 -33.38 6.61 4.08
N GLN B 376 -34.21 7.34 4.84
CA GLN B 376 -35.00 8.41 4.26
C GLN B 376 -34.20 9.69 4.10
N CYS B 377 -33.04 9.82 4.74
CA CYS B 377 -32.20 10.99 4.60
C CYS B 377 -31.16 10.84 3.49
N TYR B 378 -31.21 9.76 2.71
CA TYR B 378 -30.39 9.66 1.51
C TYR B 378 -31.08 8.75 0.52
N ARG B 379 -30.73 8.93 -0.75
CA ARG B 379 -31.28 8.13 -1.85
C ARG B 379 -30.20 7.54 -2.72
N ASP B 380 -29.09 8.25 -2.95
CA ASP B 380 -28.00 7.78 -3.79
C ASP B 380 -26.68 8.15 -3.14
N VAL B 381 -25.59 7.82 -3.82
CA VAL B 381 -24.26 8.12 -3.30
C VAL B 381 -23.99 9.62 -3.34
N SER B 382 -24.42 10.28 -4.42
CA SER B 382 -24.04 11.68 -4.64
C SER B 382 -24.57 12.59 -3.55
N ASP B 383 -25.79 12.32 -3.06
CA ASP B 383 -26.41 13.24 -2.11
C ASP B 383 -25.59 13.36 -0.83
N LEU B 384 -25.08 12.25 -0.32
CA LEU B 384 -24.32 12.28 0.93
C LEU B 384 -23.14 13.23 0.81
N LYS B 385 -22.85 13.94 1.90
CA LYS B 385 -21.72 14.86 1.93
C LYS B 385 -20.83 14.62 3.14
N VAL B 386 -21.41 14.13 4.23
CA VAL B 386 -20.69 14.00 5.50
C VAL B 386 -21.34 12.88 6.31
N ILE B 387 -20.54 12.21 7.13
CA ILE B 387 -20.98 11.07 7.91
C ILE B 387 -20.52 11.22 9.35
N HIS B 388 -21.22 10.56 10.27
CA HIS B 388 -20.87 10.50 11.67
C HIS B 388 -21.05 9.08 12.17
N TRP B 389 -19.97 8.48 12.66
CA TRP B 389 -19.97 7.08 13.06
C TRP B 389 -20.22 6.91 14.55
N ASN B 390 -21.30 7.53 15.02
CA ASN B 390 -21.60 7.53 16.45
C ASN B 390 -22.05 6.15 16.92
N SER B 391 -21.12 5.35 17.40
CA SER B 391 -21.43 4.07 17.99
C SER B 391 -20.21 3.55 18.75
N PRO B 392 -20.36 3.06 19.97
CA PRO B 392 -19.20 2.45 20.64
C PRO B 392 -18.61 1.30 19.84
N LYS B 393 -19.44 0.59 19.08
CA LYS B 393 -18.94 -0.46 18.20
C LYS B 393 -18.18 0.10 17.00
N LYS B 394 -18.43 1.36 16.65
CA LYS B 394 -17.73 2.01 15.55
C LYS B 394 -17.92 1.26 14.24
N LEU B 395 -16.97 0.40 13.88
CA LEU B 395 -16.97 -0.27 12.59
C LEU B 395 -17.66 -1.63 12.62
N ARG B 396 -18.19 -2.05 13.76
CA ARG B 396 -18.89 -3.32 13.88
C ARG B 396 -20.40 -3.17 13.75
N VAL B 397 -20.88 -1.98 13.40
CA VAL B 397 -22.33 -1.76 13.28
C VAL B 397 -22.86 -2.47 12.03
N LYS B 398 -24.18 -2.64 12.01
CA LYS B 398 -24.87 -3.30 10.91
C LYS B 398 -25.95 -2.38 10.37
N ASN B 399 -26.04 -2.28 9.04
CA ASN B 399 -27.04 -1.45 8.41
C ASN B 399 -27.39 -2.04 7.04
N LYS B 400 -28.38 -1.43 6.39
CA LYS B 400 -28.80 -1.90 5.07
C LYS B 400 -27.68 -1.78 4.05
N HIS B 401 -26.94 -0.67 4.09
CA HIS B 401 -25.86 -0.40 3.14
C HIS B 401 -24.55 -0.09 3.85
N VAL B 402 -24.34 -0.72 5.01
CA VAL B 402 -23.11 -0.50 5.77
C VAL B 402 -21.90 -0.81 4.91
N GLU B 403 -22.04 -1.68 3.92
CA GLU B 403 -20.90 -2.08 3.10
C GLU B 403 -20.34 -0.87 2.34
N PHE B 404 -21.21 -0.10 1.68
CA PHE B 404 -20.74 1.03 0.91
C PHE B 404 -20.12 2.09 1.81
N PHE B 405 -20.75 2.37 2.95
CA PHE B 405 -20.21 3.36 3.87
C PHE B 405 -18.85 2.94 4.38
N ARG B 406 -18.70 1.67 4.75
CA ARG B 406 -17.41 1.18 5.22
C ARG B 406 -16.37 1.25 4.13
N ASN B 407 -16.76 0.96 2.89
CA ASN B 407 -15.82 1.05 1.78
C ASN B 407 -15.35 2.49 1.62
N LEU B 408 -16.26 3.45 1.70
CA LEU B 408 -15.85 4.85 1.64
C LEU B 408 -14.91 5.18 2.79
N TYR B 409 -15.25 4.72 4.00
CA TYR B 409 -14.40 4.97 5.17
C TYR B 409 -12.99 4.49 4.91
N LEU B 410 -12.84 3.26 4.45
CA LEU B 410 -11.52 2.72 4.13
C LEU B 410 -10.87 3.47 2.98
N THR B 411 -11.66 4.13 2.14
CA THR B 411 -11.07 4.86 1.01
C THR B 411 -10.10 5.93 1.50
N PHE B 412 -10.49 6.68 2.52
CA PHE B 412 -9.65 7.75 3.06
C PHE B 412 -8.85 7.33 4.28
N LEU B 413 -9.32 6.35 5.05
CA LEU B 413 -8.49 5.76 6.07
C LEU B 413 -7.26 5.09 5.49
N GLU B 414 -7.26 4.82 4.19
CA GLU B 414 -6.14 4.17 3.51
C GLU B 414 -5.49 5.06 2.46
N TYR B 415 -6.04 6.23 2.18
CA TYR B 415 -5.49 7.09 1.16
C TYR B 415 -4.07 7.50 1.51
N ASP B 416 -3.19 7.54 0.51
CA ASP B 416 -1.78 7.83 0.71
C ASP B 416 -1.62 9.33 0.96
N GLY B 417 -1.58 9.72 2.24
CA GLY B 417 -1.49 11.13 2.59
C GLY B 417 -0.23 11.81 2.09
N ASN B 418 0.87 11.07 1.98
CA ASN B 418 2.09 11.64 1.40
C ASN B 418 1.84 12.26 0.03
N LEU B 419 0.73 11.92 -0.62
CA LEU B 419 0.37 12.49 -1.91
C LEU B 419 -0.42 13.77 -1.80
N LEU B 420 -1.13 13.97 -0.69
CA LEU B 420 -1.98 15.14 -0.52
C LEU B 420 -1.19 16.41 -0.21
N ARG B 421 0.10 16.30 0.07
CA ARG B 421 0.87 17.42 0.60
C ARG B 421 1.14 18.53 -0.42
N ARG B 422 0.54 18.49 -1.60
CA ARG B 422 0.71 19.56 -2.58
C ARG B 422 -0.60 20.29 -2.85
N ASN B 434 10.72 27.19 7.02
CA ASN B 434 10.82 25.75 6.86
C ASN B 434 10.66 25.37 5.39
N SER B 435 9.79 26.10 4.70
CA SER B 435 9.60 25.83 3.27
C SER B 435 10.65 26.55 2.44
N GLU B 436 10.93 27.81 2.75
CA GLU B 436 11.87 28.58 1.95
C GLU B 436 13.29 28.06 2.11
N ASN B 437 13.71 27.79 3.35
CA ASN B 437 15.03 27.22 3.57
C ASN B 437 15.16 25.85 2.93
N LEU B 438 14.12 25.03 3.06
CA LEU B 438 14.14 23.70 2.45
C LEU B 438 14.30 23.80 0.95
N GLN B 439 13.51 24.66 0.31
CA GLN B 439 13.59 24.80 -1.14
C GLN B 439 14.92 25.41 -1.56
N LYS B 440 15.47 26.31 -0.75
CA LYS B 440 16.77 26.90 -1.10
C LYS B 440 17.89 25.88 -0.98
N GLN B 441 17.82 24.98 -0.01
CA GLN B 441 18.72 23.84 -0.01
C GLN B 441 18.51 22.99 -1.26
N LEU B 442 17.25 22.75 -1.63
CA LEU B 442 16.96 22.02 -2.86
C LEU B 442 17.49 22.75 -4.09
N SER B 443 17.78 24.05 -3.97
CA SER B 443 18.20 24.83 -5.12
C SER B 443 19.57 24.37 -5.63
N GLU B 444 20.60 24.50 -4.79
CA GLU B 444 21.95 24.21 -5.25
C GLU B 444 22.16 22.76 -5.61
N LEU B 445 21.22 21.88 -5.25
CA LEU B 445 21.40 20.46 -5.47
C LEU B 445 21.64 20.18 -6.96
N ASP B 446 22.60 19.31 -7.22
CA ASP B 446 23.01 18.96 -8.58
C ASP B 446 22.65 17.51 -8.87
N GLU B 447 22.27 17.24 -10.12
CA GLU B 447 21.83 15.92 -10.53
C GLU B 447 22.93 15.08 -11.16
N ASP B 448 24.16 15.59 -11.24
CA ASP B 448 25.24 14.90 -11.92
C ASP B 448 26.14 14.09 -10.98
N ASP B 449 25.87 14.10 -9.68
CA ASP B 449 26.72 13.36 -8.75
C ASP B 449 26.42 11.87 -8.85
N LEU B 450 27.38 11.06 -8.39
CA LEU B 450 27.25 9.62 -8.50
C LEU B 450 26.04 9.10 -7.73
N CYS B 451 25.91 9.50 -6.46
CA CYS B 451 24.76 9.13 -5.63
C CYS B 451 24.14 10.39 -5.03
N TYR B 452 23.90 11.39 -5.88
CA TYR B 452 23.25 12.60 -5.41
C TYR B 452 21.99 12.30 -4.61
N GLU B 453 21.27 11.24 -4.96
CA GLU B 453 20.00 10.94 -4.30
C GLU B 453 20.19 10.85 -2.79
N PHE B 454 21.37 10.43 -2.34
CA PHE B 454 21.65 10.45 -0.91
C PHE B 454 21.57 11.87 -0.36
N ARG B 455 22.15 12.83 -1.06
CA ARG B 455 22.03 14.22 -0.64
C ARG B 455 20.58 14.67 -0.70
N ARG B 456 19.86 14.29 -1.75
CA ARG B 456 18.46 14.68 -1.86
C ARG B 456 17.67 14.18 -0.65
N GLU B 457 17.94 12.95 -0.23
CA GLU B 457 17.19 12.33 0.86
C GLU B 457 17.74 12.68 2.24
N ARG B 458 18.90 13.33 2.32
CA ARG B 458 19.50 13.59 3.62
C ARG B 458 18.58 14.46 4.49
N PHE B 459 17.98 15.49 3.91
CA PHE B 459 17.13 16.40 4.64
C PHE B 459 15.66 16.29 4.26
N THR B 460 15.27 15.24 3.54
CA THR B 460 13.87 15.07 3.19
C THR B 460 13.04 14.90 4.45
N VAL B 461 11.85 15.48 4.47
CA VAL B 461 10.95 15.44 5.61
C VAL B 461 9.88 14.40 5.34
N HIS B 462 9.70 13.47 6.29
CA HIS B 462 8.73 12.40 6.17
C HIS B 462 7.63 12.56 7.21
N ARG B 463 6.43 12.16 6.83
CA ARG B 463 5.28 12.27 7.72
C ARG B 463 5.47 11.35 8.92
N THR B 464 5.59 11.94 10.11
CA THR B 464 5.79 11.18 11.35
C THR B 464 4.54 11.30 12.20
N HIS B 465 3.97 10.16 12.57
CA HIS B 465 2.78 10.09 13.39
C HIS B 465 3.18 9.40 14.69
N LEU B 466 3.68 10.19 15.63
CA LEU B 466 4.27 9.64 16.83
C LEU B 466 3.18 9.07 17.74
N TYR B 467 3.50 7.95 18.39
CA TYR B 467 2.60 7.27 19.33
C TYR B 467 1.28 6.89 18.65
N PHE B 468 1.39 5.99 17.67
CA PHE B 468 0.23 5.49 16.95
C PHE B 468 -0.80 4.90 17.91
N LEU B 469 -0.37 3.97 18.76
CA LEU B 469 -1.25 3.25 19.67
C LEU B 469 -1.01 3.72 21.09
N HIS B 470 -1.92 3.31 21.97
CA HIS B 470 -1.92 3.80 23.33
C HIS B 470 -0.55 3.61 23.98
N TYR B 471 -0.18 4.57 24.83
CA TYR B 471 1.09 4.54 25.55
C TYR B 471 0.91 5.17 26.91
N GLU B 472 1.46 4.52 27.93
CA GLU B 472 1.40 5.03 29.29
C GLU B 472 2.59 4.47 30.05
N TYR B 473 3.21 5.31 30.88
CA TYR B 473 4.38 4.90 31.64
C TYR B 473 4.54 5.77 32.86
N GLU B 474 4.78 5.12 34.01
CA GLU B 474 5.05 5.82 35.26
C GLU B 474 6.53 5.73 35.57
N PRO B 475 7.30 6.82 35.49
CA PRO B 475 8.72 6.73 35.81
C PRO B 475 8.94 6.29 37.25
N ALA B 476 10.03 5.56 37.46
CA ALA B 476 10.41 5.06 38.78
C ALA B 476 11.35 6.04 39.46
N ALA B 477 11.52 5.85 40.77
CA ALA B 477 12.36 6.75 41.55
C ALA B 477 13.85 6.55 41.28
N ASP B 478 14.25 5.38 40.79
CA ASP B 478 15.68 5.13 40.58
C ASP B 478 16.26 6.08 39.54
N SER B 479 15.53 6.32 38.46
CA SER B 479 16.02 7.14 37.34
C SER B 479 17.20 6.44 36.66
N THR B 480 17.01 5.17 36.31
CA THR B 480 18.05 4.40 35.64
C THR B 480 17.47 3.48 34.56
N ASP B 481 16.28 3.78 34.05
CA ASP B 481 15.65 2.90 33.07
C ASP B 481 16.39 2.94 31.74
N VAL B 482 16.16 1.91 30.93
CA VAL B 482 16.67 1.85 29.58
C VAL B 482 15.53 1.48 28.66
N THR B 483 15.64 1.88 27.39
CA THR B 483 14.63 1.58 26.39
C THR B 483 15.29 1.24 25.07
N LEU B 484 14.85 0.16 24.46
CA LEU B 484 15.37 -0.23 23.16
C LEU B 484 14.92 0.75 22.10
N VAL B 485 15.54 0.66 20.93
CA VAL B 485 15.04 1.31 19.74
C VAL B 485 15.40 0.42 18.55
N ALA B 486 14.57 0.46 17.52
CA ALA B 486 14.86 -0.36 16.35
C ALA B 486 13.99 0.08 15.18
N GLN B 487 14.56 0.03 13.99
CA GLN B 487 13.78 0.15 12.77
C GLN B 487 13.18 -1.20 12.39
N LEU B 488 12.09 -1.16 11.63
CA LEU B 488 11.56 -2.37 11.03
C LEU B 488 10.53 -2.00 9.98
N SER B 489 10.13 -3.01 9.21
CA SER B 489 9.06 -2.91 8.23
C SER B 489 8.33 -4.25 8.26
N MET B 490 7.51 -4.51 7.24
CA MET B 490 6.72 -5.74 7.18
C MET B 490 7.58 -6.96 7.52
N ASP B 491 8.64 -7.17 6.73
CA ASP B 491 9.38 -8.43 6.78
C ASP B 491 9.83 -8.80 8.18
N ARG B 492 9.84 -7.85 9.12
CA ARG B 492 10.39 -8.11 10.45
C ARG B 492 9.35 -7.92 11.55
N LEU B 493 8.06 -7.90 11.21
CA LEU B 493 7.03 -7.76 12.24
C LEU B 493 7.09 -8.91 13.25
N GLN B 494 7.18 -10.14 12.76
CA GLN B 494 6.95 -11.28 13.64
C GLN B 494 7.83 -11.25 14.88
N MET B 495 9.00 -10.62 14.80
CA MET B 495 9.90 -10.63 15.95
C MET B 495 9.34 -9.85 17.13
N LEU B 496 8.41 -8.92 16.88
CA LEU B 496 7.91 -8.09 17.98
C LEU B 496 7.45 -8.94 19.15
N GLU B 497 6.61 -9.94 18.87
CA GLU B 497 6.15 -10.82 19.94
C GLU B 497 7.34 -11.39 20.70
N ALA B 498 8.32 -11.93 19.98
CA ALA B 498 9.52 -12.43 20.63
C ALA B 498 10.15 -11.35 21.49
N ILE B 499 10.36 -10.16 20.92
CA ILE B 499 10.92 -9.06 21.71
C ILE B 499 9.98 -8.72 22.85
N CYS B 500 8.66 -8.74 22.57
CA CYS B 500 7.71 -8.49 23.65
C CYS B 500 7.81 -9.56 24.72
N LYS B 501 8.21 -10.77 24.35
CA LYS B 501 8.45 -11.82 25.32
C LYS B 501 9.83 -11.73 25.96
N HIS B 502 10.70 -10.84 25.46
CA HIS B 502 12.04 -10.69 26.01
C HIS B 502 12.14 -9.48 26.92
N TRP B 503 11.79 -8.29 26.42
CA TRP B 503 11.85 -7.11 27.25
C TRP B 503 10.72 -7.11 28.28
N GLU B 504 10.88 -6.26 29.29
CA GLU B 504 9.85 -6.01 30.30
C GLU B 504 9.57 -4.54 30.50
N GLY B 505 10.54 -3.67 30.21
CA GLY B 505 10.36 -2.24 30.35
C GLY B 505 9.90 -1.60 29.05
N PRO B 506 9.87 -0.27 29.02
CA PRO B 506 9.48 0.42 27.79
C PRO B 506 10.47 0.14 26.67
N ILE B 507 9.95 0.12 25.45
CA ILE B 507 10.78 0.18 24.26
C ILE B 507 10.15 1.16 23.28
N SER B 508 10.99 1.69 22.42
CA SER B 508 10.57 2.51 21.30
C SER B 508 10.72 1.69 20.02
N LEU B 509 10.19 2.22 18.93
CA LEU B 509 10.18 1.49 17.67
C LEU B 509 9.83 2.44 16.55
N ALA B 510 10.75 2.59 15.60
CA ALA B 510 10.53 3.46 14.45
C ALA B 510 9.85 2.70 13.32
N LEU B 511 8.63 2.26 13.58
CA LEU B 511 7.95 1.37 12.64
C LEU B 511 7.68 2.13 11.36
N TYR B 512 8.02 1.53 10.22
CA TYR B 512 8.04 2.23 8.94
C TYR B 512 7.13 1.51 7.96
N LEU B 513 5.97 2.11 7.64
CA LEU B 513 5.01 1.50 6.75
C LEU B 513 4.27 2.56 5.96
N SER B 514 3.67 2.12 4.86
CA SER B 514 2.69 2.90 4.14
C SER B 514 1.43 3.03 4.99
N ASP B 515 0.42 3.71 4.44
CA ASP B 515 -0.83 3.87 5.17
C ASP B 515 -1.57 2.55 5.31
N ALA B 516 -1.72 1.81 4.21
CA ALA B 516 -2.47 0.56 4.27
C ALA B 516 -1.79 -0.42 5.21
N GLU B 517 -0.47 -0.57 5.10
CA GLU B 517 0.25 -1.42 6.03
C GLU B 517 0.13 -0.89 7.44
N ALA B 518 0.04 0.44 7.61
CA ALA B 518 -0.15 1.00 8.93
C ALA B 518 -1.47 0.53 9.54
N GLN B 519 -2.53 0.53 8.74
CA GLN B 519 -3.82 0.06 9.24
C GLN B 519 -3.77 -1.44 9.52
N GLN B 520 -3.08 -2.20 8.67
CA GLN B 520 -2.93 -3.62 8.94
C GLN B 520 -2.23 -3.83 10.27
N PHE B 521 -1.20 -3.04 10.54
CA PHE B 521 -0.52 -3.12 11.83
C PHE B 521 -1.47 -2.73 12.96
N LEU B 522 -2.31 -1.73 12.72
CA LEU B 522 -3.28 -1.35 13.74
C LEU B 522 -4.15 -2.53 14.11
N ARG B 523 -4.69 -3.21 13.10
CA ARG B 523 -5.52 -4.38 13.36
C ARG B 523 -4.72 -5.45 14.09
N TYR B 524 -3.50 -5.71 13.64
CA TYR B 524 -2.70 -6.78 14.23
C TYR B 524 -2.42 -6.49 15.70
N ALA B 525 -1.99 -5.26 16.00
CA ALA B 525 -1.71 -4.89 17.38
C ALA B 525 -2.98 -4.84 18.21
N GLN B 526 -4.13 -4.65 17.58
CA GLN B 526 -5.39 -4.78 18.29
C GLN B 526 -5.82 -6.22 18.44
N GLY B 527 -5.14 -7.15 17.76
CA GLY B 527 -5.45 -8.56 17.89
C GLY B 527 -4.64 -9.29 18.95
N SER B 528 -3.31 -9.18 18.88
CA SER B 528 -2.46 -9.95 19.79
C SER B 528 -2.69 -9.55 21.23
N GLU B 529 -2.80 -10.54 22.11
CA GLU B 529 -2.99 -10.25 23.53
C GLU B 529 -1.70 -9.79 24.18
N VAL B 530 -0.56 -10.34 23.74
CA VAL B 530 0.72 -9.95 24.33
C VAL B 530 1.00 -8.49 24.05
N LEU B 531 0.82 -8.08 22.80
CA LEU B 531 1.01 -6.67 22.46
C LEU B 531 0.06 -5.78 23.24
N MET B 532 -1.22 -6.16 23.28
CA MET B 532 -2.22 -5.31 23.92
C MET B 532 -1.94 -5.14 25.41
N SER B 533 -1.60 -6.23 26.09
CA SER B 533 -1.36 -6.14 27.53
C SER B 533 -0.16 -5.28 27.87
N ARG B 534 0.74 -5.06 26.91
CA ARG B 534 1.95 -4.26 27.15
C ARG B 534 1.65 -2.81 26.83
N HIS B 535 1.57 -1.99 27.87
CA HIS B 535 1.25 -0.57 27.68
C HIS B 535 2.44 0.22 27.18
N ASN B 536 3.65 -0.14 27.59
CA ASN B 536 4.81 0.75 27.49
C ASN B 536 5.61 0.55 26.22
N VAL B 537 4.96 0.20 25.11
CA VAL B 537 5.62 0.06 23.82
C VAL B 537 5.13 1.17 22.92
N GLY B 538 5.99 2.12 22.61
CA GLY B 538 5.65 3.13 21.64
C GLY B 538 5.61 2.58 20.23
N TYR B 539 4.94 3.31 19.35
CA TYR B 539 4.87 2.94 17.94
C TYR B 539 4.93 4.24 17.13
N HIS B 540 6.15 4.65 16.79
CA HIS B 540 6.38 5.85 16.02
C HIS B 540 6.40 5.46 14.55
N ILE B 541 5.44 5.98 13.80
CA ILE B 541 5.28 5.66 12.39
C ILE B 541 5.90 6.76 11.56
N VAL B 542 6.71 6.39 10.59
CA VAL B 542 7.19 7.30 9.56
C VAL B 542 6.75 6.75 8.23
N TYR B 543 5.83 7.44 7.57
CA TYR B 543 5.23 6.89 6.36
C TYR B 543 6.28 6.82 5.25
N LYS B 544 5.95 6.06 4.21
CA LYS B 544 6.89 5.85 3.13
C LYS B 544 6.93 7.05 2.20
N GLU B 545 8.08 7.25 1.57
CA GLU B 545 8.27 8.27 0.55
C GLU B 545 9.64 8.05 -0.06
N GLY B 546 9.76 8.39 -1.34
CA GLY B 546 11.00 8.20 -2.06
C GLY B 546 11.26 6.74 -2.35
N GLN B 547 12.50 6.46 -2.76
CA GLN B 547 12.93 5.11 -3.09
C GLN B 547 13.87 4.49 -2.07
N PHE B 548 14.80 5.27 -1.51
CA PHE B 548 15.79 4.73 -0.59
C PHE B 548 15.15 4.39 0.75
N TYR B 549 15.97 3.90 1.67
CA TYR B 549 15.52 3.52 3.02
C TYR B 549 16.15 4.46 4.03
N PRO B 550 15.42 5.45 4.54
CA PRO B 550 16.03 6.39 5.49
C PRO B 550 16.13 5.80 6.90
N VAL B 551 17.00 4.81 7.05
CA VAL B 551 17.08 4.08 8.31
C VAL B 551 17.50 5.02 9.43
N ASN B 552 18.48 5.89 9.17
CA ASN B 552 18.95 6.81 10.19
C ASN B 552 17.81 7.73 10.63
N LEU B 553 16.97 8.17 9.71
CA LEU B 553 15.83 8.98 10.09
C LEU B 553 14.93 8.22 11.05
N LEU B 554 14.67 6.95 10.75
CA LEU B 554 13.80 6.18 11.63
C LEU B 554 14.42 6.07 13.02
N ARG B 555 15.72 5.81 13.08
CA ARG B 555 16.33 5.56 14.37
C ARG B 555 16.46 6.85 15.19
N ASN B 556 16.73 7.98 14.54
CA ASN B 556 16.82 9.21 15.32
C ASN B 556 15.43 9.72 15.71
N VAL B 557 14.41 9.42 14.91
CA VAL B 557 13.04 9.71 15.32
C VAL B 557 12.68 8.90 16.55
N ALA B 558 13.12 7.64 16.60
CA ALA B 558 12.91 6.85 17.81
C ALA B 558 13.77 7.36 18.96
N MET B 559 14.94 7.89 18.65
CA MET B 559 15.84 8.41 19.69
C MET B 559 15.22 9.60 20.41
N LYS B 560 14.79 10.62 19.67
CA LYS B 560 14.44 11.88 20.30
C LYS B 560 13.30 11.73 21.29
N HIS B 561 12.38 10.80 21.03
CA HIS B 561 11.15 10.69 21.81
C HIS B 561 11.25 9.43 22.67
N ILE B 562 11.79 9.58 23.87
CA ILE B 562 11.95 8.48 24.82
C ILE B 562 11.63 9.00 26.21
N SER B 563 11.01 8.15 27.02
CA SER B 563 10.58 8.54 28.37
C SER B 563 11.43 7.91 29.46
N THR B 564 12.73 7.79 29.23
CA THR B 564 13.68 7.30 30.21
C THR B 564 15.02 7.94 29.92
N PRO B 565 15.88 8.08 30.92
CA PRO B 565 17.14 8.80 30.71
C PRO B 565 18.06 8.14 29.70
N TYR B 566 18.42 6.88 29.93
CA TYR B 566 19.35 6.16 29.08
C TYR B 566 18.59 5.34 28.06
N MET B 567 19.32 4.78 27.10
CA MET B 567 18.67 4.02 26.03
C MET B 567 19.64 3.01 25.46
N PHE B 568 19.10 2.18 24.56
CA PHE B 568 19.80 1.05 23.98
C PHE B 568 19.56 1.03 22.49
N LEU B 569 20.62 0.88 21.72
CA LEU B 569 20.57 0.81 20.26
C LEU B 569 20.78 -0.61 19.80
N SER B 570 19.93 -1.06 18.90
CA SER B 570 20.01 -2.41 18.35
C SER B 570 19.19 -2.45 17.07
N ASP B 571 18.88 -3.65 16.60
CA ASP B 571 17.91 -3.86 15.54
C ASP B 571 16.86 -4.84 16.04
N ILE B 572 15.72 -4.85 15.35
CA ILE B 572 14.61 -5.69 15.79
C ILE B 572 14.98 -7.17 15.73
N ASP B 573 15.90 -7.54 14.85
CA ASP B 573 16.27 -8.94 14.70
C ASP B 573 16.79 -9.52 16.00
N PHE B 574 17.70 -8.81 16.66
CA PHE B 574 18.37 -9.35 17.82
C PHE B 574 17.37 -9.64 18.93
N LEU B 575 17.60 -10.75 19.63
CA LEU B 575 16.76 -11.16 20.75
C LEU B 575 17.59 -11.20 22.02
N PRO B 576 17.37 -10.32 22.98
CA PRO B 576 18.21 -10.32 24.19
C PRO B 576 17.92 -11.48 25.13
N MET B 577 18.55 -11.44 26.30
CA MET B 577 18.33 -12.40 27.36
C MET B 577 16.89 -12.36 27.85
N TYR B 578 16.61 -13.22 28.83
CA TYR B 578 15.45 -13.12 29.69
C TYR B 578 15.87 -12.46 31.00
N GLY B 579 15.16 -11.41 31.39
CA GLY B 579 15.53 -10.65 32.57
C GLY B 579 16.60 -9.60 32.35
N LEU B 580 16.94 -9.31 31.09
CA LEU B 580 17.96 -8.32 30.78
C LEU B 580 17.61 -6.94 31.32
N TYR B 581 16.33 -6.65 31.51
CA TYR B 581 15.92 -5.35 32.01
C TYR B 581 16.51 -5.08 33.39
N GLU B 582 16.31 -6.02 34.31
CA GLU B 582 16.88 -5.86 35.64
C GLU B 582 18.40 -5.91 35.61
N TYR B 583 18.96 -6.73 34.71
CA TYR B 583 20.41 -6.82 34.63
C TYR B 583 21.00 -5.47 34.29
N LEU B 584 20.48 -4.81 33.26
CA LEU B 584 21.00 -3.49 32.89
C LEU B 584 20.63 -2.43 33.93
N ARG B 585 19.49 -2.58 34.60
CA ARG B 585 19.20 -1.70 35.72
C ARG B 585 20.33 -1.72 36.75
N LYS B 586 20.67 -2.92 37.22
CA LYS B 586 21.74 -3.05 38.20
C LYS B 586 23.07 -2.58 37.63
N SER B 587 23.31 -2.88 36.36
CA SER B 587 24.60 -2.51 35.76
C SER B 587 24.76 -0.99 35.69
N VAL B 588 23.71 -0.28 35.27
CA VAL B 588 23.77 1.17 35.24
C VAL B 588 23.95 1.72 36.64
N ILE B 589 23.25 1.15 37.62
CA ILE B 589 23.39 1.62 39.00
C ILE B 589 24.83 1.43 39.47
N GLN B 590 25.42 0.26 39.19
CA GLN B 590 26.74 -0.06 39.73
C GLN B 590 27.83 0.74 39.04
N LEU B 591 27.84 0.73 37.70
CA LEU B 591 28.87 1.48 36.98
C LEU B 591 28.68 2.99 37.13
N ASP B 592 27.51 3.43 37.58
CA ASP B 592 27.27 4.83 37.91
C ASP B 592 27.65 5.75 36.75
N LEU B 593 26.96 5.58 35.63
CA LEU B 593 27.16 6.45 34.48
C LEU B 593 26.45 7.79 34.62
N ALA B 594 25.67 7.98 35.69
CA ALA B 594 24.99 9.25 35.88
C ALA B 594 25.97 10.41 35.96
N ASN B 595 27.24 10.13 36.29
CA ASN B 595 28.27 11.15 36.39
C ASN B 595 29.23 11.12 35.21
N THR B 596 29.84 9.97 34.94
CA THR B 596 30.87 9.88 33.91
C THR B 596 30.24 9.78 32.52
N LYS B 597 31.09 9.49 31.53
CA LYS B 597 30.68 9.34 30.14
C LYS B 597 31.16 7.97 29.66
N LYS B 598 30.21 7.05 29.45
CA LYS B 598 30.56 5.68 29.13
C LYS B 598 29.48 5.05 28.27
N ALA B 599 29.88 4.02 27.54
CA ALA B 599 28.98 3.25 26.68
C ALA B 599 29.09 1.77 27.05
N MET B 600 27.97 1.06 26.99
CA MET B 600 27.91 -0.35 27.34
C MET B 600 27.50 -1.15 26.10
N ILE B 601 28.30 -2.16 25.76
CA ILE B 601 28.08 -2.96 24.56
C ILE B 601 27.62 -4.35 24.98
N VAL B 602 26.58 -4.84 24.32
CA VAL B 602 26.10 -6.22 24.48
C VAL B 602 26.61 -7.01 23.27
N PRO B 603 27.39 -8.07 23.46
CA PRO B 603 28.01 -8.74 22.31
C PRO B 603 26.97 -9.33 21.37
N ALA B 604 27.44 -9.66 20.16
CA ALA B 604 26.58 -10.17 19.10
C ALA B 604 26.94 -11.62 18.77
N PHE B 605 25.99 -12.30 18.14
CA PHE B 605 26.14 -13.69 17.75
C PHE B 605 25.18 -13.97 16.61
N GLU B 606 25.16 -15.22 16.14
CA GLU B 606 24.13 -15.65 15.22
C GLU B 606 24.07 -17.17 15.21
N THR B 607 22.86 -17.71 15.14
CA THR B 607 22.61 -19.14 15.15
C THR B 607 21.82 -19.52 13.91
N LEU B 608 21.60 -20.83 13.74
CA LEU B 608 20.81 -21.33 12.63
C LEU B 608 19.91 -22.49 13.05
N ARG B 609 19.53 -22.57 14.32
CA ARG B 609 18.65 -23.61 14.85
C ARG B 609 17.32 -22.94 15.21
N TYR B 610 16.39 -22.92 14.26
CA TYR B 610 15.15 -22.18 14.48
C TYR B 610 14.49 -22.58 15.79
N ARG B 611 14.34 -23.88 16.02
CA ARG B 611 13.74 -24.38 17.25
C ARG B 611 14.85 -24.69 18.26
N LEU B 612 15.50 -23.63 18.72
CA LEU B 612 16.52 -23.72 19.74
C LEU B 612 15.89 -23.40 21.09
N SER B 613 16.23 -24.18 22.10
CA SER B 613 15.81 -23.84 23.47
C SER B 613 16.53 -22.58 23.89
N PHE B 614 15.80 -21.68 24.53
CA PHE B 614 16.40 -20.41 24.93
C PHE B 614 17.47 -20.68 25.98
N PRO B 615 18.74 -20.38 25.73
CA PRO B 615 19.75 -20.52 26.78
C PRO B 615 19.33 -19.79 28.05
N LYS B 616 19.98 -20.07 29.18
CA LYS B 616 19.54 -19.46 30.43
C LYS B 616 20.71 -18.89 31.23
N SER B 617 21.90 -19.46 31.08
CA SER B 617 23.02 -19.09 31.94
C SER B 617 24.30 -18.97 31.14
N LYS B 618 25.23 -18.18 31.67
CA LYS B 618 26.52 -17.98 31.01
C LYS B 618 27.24 -19.31 30.87
N ALA B 619 27.28 -20.11 31.93
CA ALA B 619 27.92 -21.41 31.84
C ALA B 619 27.26 -22.28 30.77
N GLU B 620 25.95 -22.14 30.59
CA GLU B 620 25.29 -22.90 29.53
C GLU B 620 25.76 -22.43 28.17
N LEU B 621 25.99 -21.13 27.99
CA LEU B 621 26.59 -20.65 26.76
C LEU B 621 28.00 -21.19 26.58
N LEU B 622 28.75 -21.29 27.67
CA LEU B 622 30.09 -21.88 27.58
C LEU B 622 30.01 -23.31 27.06
N SER B 623 29.09 -24.10 27.61
CA SER B 623 28.93 -25.48 27.16
C SER B 623 28.48 -25.53 25.70
N MET B 624 27.49 -24.71 25.34
CA MET B 624 26.96 -24.70 23.99
C MET B 624 27.94 -24.13 22.98
N LEU B 625 28.93 -23.35 23.43
CA LEU B 625 29.98 -22.90 22.53
C LEU B 625 31.06 -23.96 22.40
N ASP B 626 31.38 -24.65 23.50
CA ASP B 626 32.24 -25.82 23.41
C ASP B 626 31.69 -26.80 22.38
N MET B 627 30.38 -27.03 22.41
CA MET B 627 29.72 -27.73 21.31
C MET B 627 29.49 -26.80 20.13
N GLY B 628 29.28 -25.51 20.37
CA GLY B 628 29.27 -24.52 19.32
C GLY B 628 28.20 -24.72 18.27
N THR B 629 26.94 -24.51 18.63
CA THR B 629 25.88 -24.56 17.61
C THR B 629 25.70 -23.21 16.93
N LEU B 630 26.06 -22.12 17.61
CA LEU B 630 25.96 -20.78 17.06
C LEU B 630 27.30 -20.07 17.20
N PHE B 631 27.57 -19.14 16.30
CA PHE B 631 28.88 -18.52 16.17
C PHE B 631 28.78 -17.01 16.30
N THR B 632 29.94 -16.37 16.37
CA THR B 632 29.98 -14.92 16.45
C THR B 632 29.28 -14.30 15.25
N PHE B 633 28.51 -13.25 15.51
CA PHE B 633 27.70 -12.64 14.46
C PHE B 633 28.59 -12.28 13.29
N ARG B 634 28.19 -12.70 12.09
CA ARG B 634 28.90 -12.36 10.85
C ARG B 634 30.34 -12.84 10.91
N TYR B 635 30.52 -14.12 11.29
CA TYR B 635 31.84 -14.71 11.41
C TYR B 635 32.42 -15.16 10.07
N HIS B 636 31.61 -15.20 9.01
CA HIS B 636 32.07 -15.65 7.71
C HIS B 636 32.05 -14.57 6.64
N VAL B 637 31.52 -13.38 6.93
CA VAL B 637 31.47 -12.27 5.99
C VAL B 637 32.31 -11.09 6.48
N TRP B 638 32.12 -10.71 7.74
CA TRP B 638 32.79 -9.55 8.34
C TRP B 638 33.32 -9.97 9.70
N THR B 639 34.55 -10.51 9.72
CA THR B 639 35.14 -10.92 10.99
C THR B 639 35.35 -9.73 11.92
N LYS B 640 35.74 -8.59 11.37
CA LYS B 640 36.04 -7.41 12.19
C LYS B 640 34.79 -6.81 12.82
N GLY B 641 33.60 -7.26 12.46
CA GLY B 641 32.39 -6.66 13.01
C GLY B 641 32.32 -6.80 14.51
N HIS B 642 32.59 -8.00 15.03
CA HIS B 642 32.53 -8.26 16.47
C HIS B 642 33.72 -9.04 17.00
N ALA B 643 34.56 -9.59 16.13
CA ALA B 643 35.82 -10.17 16.61
C ALA B 643 36.64 -9.19 17.43
N PRO B 644 36.71 -7.89 17.08
CA PRO B 644 37.49 -6.96 17.91
C PRO B 644 37.07 -6.95 19.37
N THR B 645 35.90 -7.48 19.71
CA THR B 645 35.55 -7.65 21.12
C THR B 645 36.50 -8.63 21.81
N ASN B 646 37.24 -9.43 21.03
CA ASN B 646 38.19 -10.39 21.58
C ASN B 646 37.47 -11.36 22.53
N PHE B 647 36.56 -12.13 21.93
CA PHE B 647 35.71 -13.02 22.72
C PHE B 647 36.52 -13.98 23.56
N ALA B 648 37.76 -14.27 23.16
CA ALA B 648 38.59 -15.20 23.93
C ALA B 648 38.64 -14.80 25.40
N LYS B 649 38.93 -13.52 25.67
CA LYS B 649 39.00 -13.09 27.05
C LYS B 649 37.63 -12.92 27.68
N TRP B 650 36.57 -12.89 26.88
CA TRP B 650 35.23 -12.70 27.44
C TRP B 650 34.88 -13.82 28.40
N ARG B 651 35.27 -15.05 28.07
CA ARG B 651 34.78 -16.21 28.81
C ARG B 651 35.11 -16.10 30.30
N THR B 652 36.39 -15.89 30.61
CA THR B 652 36.85 -15.93 32.00
C THR B 652 36.51 -14.67 32.77
N ALA B 653 36.00 -13.63 32.11
CA ALA B 653 35.69 -12.39 32.80
C ALA B 653 34.46 -12.54 33.68
N THR B 654 34.44 -11.77 34.78
CA THR B 654 33.26 -11.65 35.62
C THR B 654 32.81 -10.21 35.78
N THR B 655 33.60 -9.24 35.35
CA THR B 655 33.28 -7.83 35.36
C THR B 655 33.58 -7.23 33.99
N PRO B 656 32.96 -6.10 33.66
CA PRO B 656 33.13 -5.54 32.31
C PRO B 656 34.57 -5.14 32.05
N TYR B 657 34.94 -5.15 30.77
CA TYR B 657 36.29 -4.77 30.35
C TYR B 657 36.21 -3.77 29.20
N ARG B 658 37.18 -2.85 29.19
CA ARG B 658 37.24 -1.78 28.21
C ARG B 658 37.97 -2.25 26.96
N VAL B 659 37.58 -1.68 25.82
CA VAL B 659 38.20 -1.98 24.53
C VAL B 659 38.37 -0.69 23.76
N GLU B 660 39.49 -0.58 23.06
CA GLU B 660 39.76 0.59 22.23
C GLU B 660 38.97 0.46 20.93
N TRP B 661 39.25 1.31 19.96
CA TRP B 661 38.57 1.27 18.68
C TRP B 661 39.38 0.45 17.68
N GLU B 662 38.67 -0.14 16.72
CA GLU B 662 39.29 -0.95 15.68
C GLU B 662 38.63 -0.64 14.35
N ALA B 663 39.28 -1.06 13.27
CA ALA B 663 38.76 -0.80 11.94
C ALA B 663 37.34 -1.33 11.80
N ASP B 664 36.43 -0.48 11.34
CA ASP B 664 35.06 -0.87 11.04
C ASP B 664 34.41 -1.58 12.22
N PHE B 665 34.61 -1.03 13.41
CA PHE B 665 34.00 -1.57 14.63
C PHE B 665 32.59 -1.00 14.76
N GLU B 666 31.58 -1.89 14.72
CA GLU B 666 30.17 -1.49 14.72
C GLU B 666 29.40 -2.32 15.75
N PRO B 667 29.66 -2.10 17.02
CA PRO B 667 28.90 -2.82 18.05
C PRO B 667 27.49 -2.29 18.26
N TYR B 668 26.81 -2.86 19.24
CA TYR B 668 25.52 -2.39 19.70
C TYR B 668 25.68 -1.84 21.10
N VAL B 669 25.26 -0.60 21.31
CA VAL B 669 25.66 0.16 22.48
C VAL B 669 24.44 0.53 23.32
N VAL B 670 24.69 0.70 24.62
CA VAL B 670 23.78 1.36 25.55
C VAL B 670 24.43 2.67 25.95
N VAL B 671 23.67 3.75 25.91
CA VAL B 671 24.24 5.08 26.14
C VAL B 671 23.16 6.03 26.63
N ARG B 672 23.60 7.12 27.26
CA ARG B 672 22.69 8.16 27.72
C ARG B 672 22.11 8.91 26.52
N ARG B 673 21.00 9.61 26.77
CA ARG B 673 20.24 10.22 25.69
C ARG B 673 21.07 11.20 24.88
N ASP B 674 22.07 11.84 25.51
CA ASP B 674 22.80 12.89 24.83
C ASP B 674 23.60 12.39 23.64
N CYS B 675 23.77 11.08 23.50
CA CYS B 675 24.57 10.55 22.42
C CYS B 675 24.11 11.16 21.11
N PRO B 676 25.00 11.33 20.14
CA PRO B 676 24.65 12.10 18.94
C PRO B 676 23.66 11.37 18.06
N GLU B 677 22.92 12.15 17.29
CA GLU B 677 22.05 11.60 16.26
C GLU B 677 22.90 11.10 15.08
N TYR B 678 22.26 10.34 14.19
CA TYR B 678 22.99 9.77 13.08
C TYR B 678 23.19 10.82 12.00
N ASP B 679 24.00 10.44 11.00
CA ASP B 679 24.30 11.31 9.89
C ASP B 679 23.35 10.98 8.75
N ARG B 680 22.61 12.00 8.29
CA ARG B 680 21.56 11.76 7.31
C ARG B 680 22.11 11.36 5.95
N ARG B 681 23.41 11.54 5.73
CA ARG B 681 23.96 11.31 4.39
C ARG B 681 23.82 9.86 3.97
N PHE B 682 23.51 8.97 4.90
CA PHE B 682 23.57 7.53 4.65
C PHE B 682 22.19 6.94 4.86
N VAL B 683 21.60 6.43 3.78
CA VAL B 683 20.27 5.81 3.83
C VAL B 683 20.37 4.44 3.18
N GLY B 684 19.83 3.43 3.86
CA GLY B 684 19.86 2.06 3.38
C GLY B 684 20.66 1.17 4.32
N PHE B 685 21.39 0.22 3.74
CA PHE B 685 22.24 -0.70 4.49
C PHE B 685 23.69 -0.49 4.08
N GLY B 686 24.58 -0.55 5.07
CA GLY B 686 26.00 -0.46 4.80
C GLY B 686 26.68 0.73 5.44
N TRP B 687 27.74 0.46 6.21
CA TRP B 687 28.56 1.50 6.82
C TRP B 687 27.69 2.52 7.54
N ASN B 688 26.70 2.02 8.28
CA ASN B 688 25.67 2.85 8.87
C ASN B 688 25.87 3.09 10.36
N LYS B 689 25.96 2.02 11.16
CA LYS B 689 26.13 2.19 12.59
C LYS B 689 27.51 2.72 12.94
N VAL B 690 28.51 2.41 12.11
CA VAL B 690 29.87 2.74 12.46
C VAL B 690 30.09 4.24 12.47
N ALA B 691 29.31 5.00 11.72
CA ALA B 691 29.38 6.46 11.84
C ALA B 691 29.02 6.90 13.24
N HIS B 692 27.90 6.37 13.77
CA HIS B 692 27.50 6.73 15.12
C HIS B 692 28.57 6.31 16.11
N ILE B 693 29.14 5.11 15.91
CA ILE B 693 30.22 4.63 16.74
C ILE B 693 31.39 5.60 16.70
N MET B 694 31.72 6.09 15.51
CA MET B 694 32.83 7.04 15.37
C MET B 694 32.57 8.26 16.23
N GLU B 695 31.34 8.75 16.22
CA GLU B 695 31.04 9.95 17.00
C GLU B 695 31.16 9.67 18.50
N LEU B 696 30.60 8.55 18.96
CA LEU B 696 30.73 8.20 20.38
C LEU B 696 32.19 8.10 20.78
N ASP B 697 33.01 7.44 19.96
CA ASP B 697 34.43 7.26 20.29
C ASP B 697 35.16 8.60 20.34
N VAL B 698 34.99 9.42 19.31
CA VAL B 698 35.68 10.70 19.24
C VAL B 698 35.25 11.68 20.33
N GLN B 699 34.09 11.45 20.96
CA GLN B 699 33.65 12.25 22.10
C GLN B 699 34.30 11.80 23.41
N GLU B 700 35.27 10.90 23.32
CA GLU B 700 35.96 10.35 24.50
C GLU B 700 35.03 9.50 25.36
N TYR B 701 34.26 8.65 24.71
CA TYR B 701 33.41 7.69 25.40
C TYR B 701 34.17 6.38 25.55
N GLU B 702 34.33 5.93 26.80
CA GLU B 702 34.97 4.66 27.07
C GLU B 702 34.00 3.53 26.76
N PHE B 703 34.45 2.56 25.97
CA PHE B 703 33.61 1.44 25.58
C PHE B 703 33.70 0.34 26.62
N ILE B 704 32.60 0.09 27.33
CA ILE B 704 32.48 -0.98 28.29
C ILE B 704 31.66 -2.09 27.66
N VAL B 705 32.13 -3.34 27.79
CA VAL B 705 31.42 -4.50 27.28
C VAL B 705 30.90 -5.29 28.48
N LEU B 706 29.58 -5.45 28.54
CA LEU B 706 28.97 -6.13 29.69
C LEU B 706 29.37 -7.60 29.69
N PRO B 707 29.75 -8.17 30.84
CA PRO B 707 30.18 -9.57 30.84
C PRO B 707 29.02 -10.54 30.72
N ASN B 708 27.94 -10.31 31.45
CA ASN B 708 26.92 -11.32 31.68
C ASN B 708 25.70 -11.15 30.78
N ALA B 709 25.84 -10.52 29.64
CA ALA B 709 24.77 -10.42 28.66
C ALA B 709 25.26 -10.80 27.28
N TYR B 710 24.31 -10.98 26.36
CA TYR B 710 24.62 -11.32 24.98
C TYR B 710 23.32 -11.34 24.20
N MET B 711 23.44 -11.46 22.89
CA MET B 711 22.30 -11.52 22.00
C MET B 711 22.49 -12.65 21.00
N ILE B 712 21.38 -13.24 20.58
CA ILE B 712 21.38 -14.43 19.75
C ILE B 712 20.51 -14.12 18.54
N HIS B 713 21.15 -13.73 17.43
CA HIS B 713 20.40 -13.35 16.25
C HIS B 713 19.47 -14.47 15.82
N MET B 714 18.18 -14.15 15.71
CA MET B 714 17.18 -15.11 15.21
C MET B 714 17.22 -15.11 13.70
N PRO B 715 17.45 -16.25 13.05
CA PRO B 715 17.66 -16.22 11.59
C PRO B 715 16.49 -15.57 10.87
N HIS B 716 16.81 -14.85 9.81
CA HIS B 716 15.82 -14.10 9.06
C HIS B 716 16.19 -14.13 7.58
N ALA B 717 15.18 -14.02 6.73
CA ALA B 717 15.40 -14.08 5.31
C ALA B 717 16.19 -12.86 4.84
N PRO B 718 16.90 -12.98 3.73
CA PRO B 718 17.55 -11.80 3.15
C PRO B 718 16.54 -10.75 2.73
N SER B 719 16.94 -9.49 2.86
CA SER B 719 16.14 -8.35 2.46
C SER B 719 16.62 -7.83 1.10
N PHE B 720 16.06 -6.71 0.67
CA PHE B 720 16.43 -6.14 -0.63
C PHE B 720 17.59 -5.16 -0.52
N ASP B 721 17.74 -4.47 0.61
CA ASP B 721 18.81 -3.49 0.75
C ASP B 721 20.18 -4.16 0.65
N ILE B 722 20.35 -5.31 1.32
CA ILE B 722 21.64 -6.01 1.27
C ILE B 722 21.92 -6.49 -0.16
N THR B 723 20.90 -7.00 -0.84
CA THR B 723 21.09 -7.44 -2.22
C THR B 723 21.51 -6.30 -3.12
N LYS B 724 20.83 -5.15 -2.99
CA LYS B 724 21.20 -3.99 -3.81
C LYS B 724 22.62 -3.54 -3.50
N PHE B 725 22.99 -3.52 -2.22
CA PHE B 725 24.34 -3.11 -1.84
C PHE B 725 25.39 -4.04 -2.42
N ARG B 726 25.14 -5.36 -2.35
CA ARG B 726 26.09 -6.32 -2.88
C ARG B 726 26.11 -6.33 -4.40
N SER B 727 25.06 -5.85 -5.05
CA SER B 727 24.97 -5.86 -6.52
C SER B 727 25.44 -4.56 -7.16
N ASN B 728 25.12 -3.42 -6.58
CA ASN B 728 25.45 -2.12 -7.17
C ASN B 728 26.84 -1.70 -6.70
N LYS B 729 27.78 -1.58 -7.64
CA LYS B 729 29.11 -1.05 -7.32
C LYS B 729 29.10 0.46 -7.17
N GLN B 730 28.24 1.15 -7.93
CA GLN B 730 28.16 2.60 -7.81
C GLN B 730 27.75 3.00 -6.41
N TYR B 731 26.82 2.25 -5.83
CA TYR B 731 26.47 2.43 -4.43
C TYR B 731 27.72 2.40 -3.56
N ARG B 732 28.60 1.42 -3.80
CA ARG B 732 29.80 1.28 -2.99
C ARG B 732 30.76 2.45 -3.19
N ILE B 733 30.97 2.88 -4.43
CA ILE B 733 31.94 3.95 -4.66
C ILE B 733 31.44 5.26 -4.05
N CYS B 734 30.14 5.53 -4.18
CA CYS B 734 29.62 6.75 -3.58
C CYS B 734 29.59 6.64 -2.05
N LEU B 735 29.40 5.44 -1.52
CA LEU B 735 29.56 5.24 -0.08
C LEU B 735 30.98 5.56 0.35
N LYS B 736 31.98 5.18 -0.45
CA LYS B 736 33.37 5.46 -0.10
C LYS B 736 33.66 6.96 -0.16
N THR B 737 33.15 7.65 -1.18
CA THR B 737 33.30 9.09 -1.22
C THR B 737 32.61 9.74 -0.04
N LEU B 738 31.45 9.23 0.37
CA LEU B 738 30.79 9.71 1.57
C LEU B 738 31.64 9.43 2.81
N LYS B 739 32.36 8.31 2.82
CA LYS B 739 33.28 8.05 3.92
C LYS B 739 34.34 9.13 4.01
N GLU B 740 34.93 9.48 2.87
CA GLU B 740 35.92 10.55 2.86
C GLU B 740 35.32 11.85 3.35
N GLU B 741 34.13 12.18 2.87
CA GLU B 741 33.47 13.42 3.28
C GLU B 741 33.23 13.44 4.78
N PHE B 742 32.69 12.35 5.32
CA PHE B 742 32.40 12.28 6.75
C PHE B 742 33.67 12.39 7.56
N GLN B 743 34.73 11.71 7.13
CA GLN B 743 35.97 11.77 7.88
C GLN B 743 36.53 13.19 7.91
N GLN B 744 36.49 13.89 6.78
CA GLN B 744 37.04 15.24 6.76
C GLN B 744 36.16 16.21 7.55
N ASP B 745 34.83 16.06 7.48
CA ASP B 745 33.98 16.92 8.31
C ASP B 745 34.23 16.65 9.78
N MET B 746 34.41 15.38 10.16
CA MET B 746 34.76 15.06 11.55
C MET B 746 36.05 15.73 11.95
N SER B 747 37.08 15.65 11.11
CA SER B 747 38.32 16.33 11.41
C SER B 747 38.07 17.82 11.64
N ARG B 748 37.32 18.44 10.73
CA ARG B 748 37.08 19.88 10.85
C ARG B 748 36.39 20.21 12.16
N ARG B 749 35.40 19.41 12.55
CA ARG B 749 34.61 19.72 13.74
C ARG B 749 35.31 19.31 15.03
N TYR B 750 36.35 18.50 14.97
CA TYR B 750 37.12 18.15 16.16
C TYR B 750 38.61 18.36 15.99
N GLY B 751 39.17 18.09 14.82
CA GLY B 751 40.54 18.46 14.52
C GLY B 751 41.48 17.25 14.55
N PHE B 752 42.55 17.36 15.32
CA PHE B 752 43.62 16.36 15.29
C PHE B 752 43.10 14.98 15.68
N ALA B 753 42.24 14.92 16.69
CA ALA B 753 41.82 13.63 17.23
C ALA B 753 41.24 12.71 16.16
N ALA B 754 40.56 13.28 15.16
CA ALA B 754 39.90 12.47 14.16
C ALA B 754 40.84 11.96 13.08
N LEU B 755 42.11 12.39 13.08
CA LEU B 755 43.04 11.96 12.05
C LEU B 755 43.31 10.46 12.12
N LYS B 756 43.20 9.86 13.30
CA LYS B 756 43.52 8.45 13.47
C LYS B 756 42.81 7.58 12.45
N TYR B 757 41.50 7.77 12.28
CA TYR B 757 40.77 7.00 11.27
C TYR B 757 41.45 7.13 9.92
N LEU B 758 41.71 8.37 9.49
CA LEU B 758 42.40 8.57 8.23
C LEU B 758 43.69 7.78 8.20
N THR B 759 44.50 7.88 9.27
CA THR B 759 45.75 7.14 9.30
C THR B 759 45.50 5.66 9.13
N ALA B 760 44.48 5.13 9.82
CA ALA B 760 44.14 3.72 9.65
C ALA B 760 43.84 3.41 8.19
N GLU B 761 43.02 4.25 7.55
CA GLU B 761 42.73 4.04 6.14
C GLU B 761 43.98 4.13 5.30
N ASN B 762 44.96 4.94 5.72
CA ASN B 762 46.24 4.99 5.02
C ASN B 762 47.05 3.73 5.27
N ASN B 763 46.93 3.16 6.48
CA ASN B 763 47.69 1.95 6.79
C ASN B 763 47.10 0.73 6.09
N SER B 764 45.78 0.63 6.05
CA SER B 764 45.12 -0.50 5.39
C SER B 764 45.19 -0.38 3.88
MN MN C . 2.30 10.67 -27.50
MN MN D . 6.27 -22.83 4.28
MN MN E . -20.26 11.44 18.46
MN MN F . 19.98 -9.81 9.18
#